data_7YGP
# 
_entry.id   7YGP 
# 
_audit_conform.dict_name       mmcif_pdbx.dic 
_audit_conform.dict_version    5.392 
_audit_conform.dict_location   http://mmcif.pdb.org/dictionaries/ascii/mmcif_pdbx.dic 
# 
loop_
_database_2.database_id 
_database_2.database_code 
_database_2.pdbx_database_accession 
_database_2.pdbx_DOI 
PDB   7YGP         pdb_00007ygp 10.2210/pdb7ygp/pdb 
WWPDB D_1300030886 ?            ?                   
# 
loop_
_pdbx_audit_revision_history.ordinal 
_pdbx_audit_revision_history.data_content_type 
_pdbx_audit_revision_history.major_revision 
_pdbx_audit_revision_history.minor_revision 
_pdbx_audit_revision_history.revision_date 
1 'Structure model' 1 0 2023-05-24 
2 'Structure model' 1 1 2024-05-29 
# 
_pdbx_audit_revision_details.ordinal             1 
_pdbx_audit_revision_details.revision_ordinal    1 
_pdbx_audit_revision_details.data_content_type   'Structure model' 
_pdbx_audit_revision_details.provider            repository 
_pdbx_audit_revision_details.type                'Initial release' 
_pdbx_audit_revision_details.description         ? 
_pdbx_audit_revision_details.details             ? 
# 
_pdbx_audit_revision_group.ordinal             1 
_pdbx_audit_revision_group.revision_ordinal    2 
_pdbx_audit_revision_group.data_content_type   'Structure model' 
_pdbx_audit_revision_group.group               'Data collection' 
# 
loop_
_pdbx_audit_revision_category.ordinal 
_pdbx_audit_revision_category.revision_ordinal 
_pdbx_audit_revision_category.data_content_type 
_pdbx_audit_revision_category.category 
1 2 'Structure model' chem_comp_atom 
2 2 'Structure model' chem_comp_bond 
# 
_pdbx_database_status.status_code                     REL 
_pdbx_database_status.status_code_sf                  REL 
_pdbx_database_status.status_code_mr                  ? 
_pdbx_database_status.entry_id                        7YGP 
_pdbx_database_status.recvd_initial_deposition_date   2022-07-12 
_pdbx_database_status.SG_entry                        N 
_pdbx_database_status.deposit_site                    PDBJ 
_pdbx_database_status.process_site                    PDBJ 
_pdbx_database_status.status_code_cs                  ? 
_pdbx_database_status.status_code_nmr_data            ? 
_pdbx_database_status.methods_development_category    ? 
_pdbx_database_status.pdb_format_compatible           Y 
# 
_pdbx_contact_author.id                 2 
_pdbx_contact_author.email              j.kondo@sophia.ac.jp 
_pdbx_contact_author.name_first         Jiro 
_pdbx_contact_author.name_last          Kondo 
_pdbx_contact_author.name_mi            ? 
_pdbx_contact_author.role               'principal investigator/group leader' 
_pdbx_contact_author.identifier_ORCID   0000-0002-5682-3685 
# 
loop_
_audit_author.name 
_audit_author.pdbx_ordinal 
_audit_author.identifier_ORCID 
'Kondo, J.'   1 0000-0002-5682-3685 
'Torigoe, H.' 2 ?                   
'Arakawa, F.' 3 ?                   
# 
_citation.abstract                  ? 
_citation.abstract_id_CAS           ? 
_citation.book_id_ISBN              ? 
_citation.book_publisher            ? 
_citation.book_publisher_city       ? 
_citation.book_title                ? 
_citation.coordinate_linkage        ? 
_citation.country                   US 
_citation.database_id_Medline       ? 
_citation.details                   ? 
_citation.id                        primary 
_citation.journal_abbrev            J.Inorg.Biochem. 
_citation.journal_id_ASTM           JIBIDJ 
_citation.journal_id_CSD            0525 
_citation.journal_id_ISSN           0162-0134 
_citation.journal_full              ? 
_citation.journal_issue             ? 
_citation.journal_volume            241 
_citation.language                  ? 
_citation.page_first                112125 
_citation.page_last                 112125 
_citation.title                     'Specific binding of Hg 2+ to mismatched base pairs involving 5-hydroxyuracil in duplex DNA.' 
_citation.year                      2023 
_citation.database_id_CSD           ? 
_citation.pdbx_database_id_DOI      10.1016/j.jinorgbio.2023.112125 
_citation.pdbx_database_id_PubMed   36716510 
_citation.pdbx_database_id_patent   ? 
_citation.unpublished_flag          ? 
# 
loop_
_citation_author.citation_id 
_citation_author.name 
_citation_author.ordinal 
_citation_author.identifier_ORCID 
primary 'Torigoe, H.' 1 ? 
primary 'Kondo, J.'   2 ? 
primary 'Arakawa, F.' 3 ? 
# 
loop_
_entity.id 
_entity.type 
_entity.src_method 
_entity.pdbx_description 
_entity.formula_weight 
_entity.pdbx_number_of_molecules 
_entity.pdbx_ec 
_entity.pdbx_mutation 
_entity.pdbx_fragment 
_entity.details 
1 polymer     syn 
;DNA (5'-D(*GP*GP*AP*CP*CP*TP*(OHU)P*GP*GP*TP*CP*C)-3')
;
3656.351 1 ? ? ? ? 
2 non-polymer syn 'COBALT HEXAMMINE(III)'                                  161.116  1 ? ? ? ? 
3 non-polymer syn 'COBALT (II) ION'                                        58.933   1 ? ? ? ? 
# 
_entity_poly.entity_id                      1 
_entity_poly.type                           polydeoxyribonucleotide 
_entity_poly.nstd_linkage                   no 
_entity_poly.nstd_monomer                   yes 
_entity_poly.pdbx_seq_one_letter_code       '(DG)(DG)(DA)(DC)(DC)(DT)(OHU)(DG)(DG)(DT)(DC)(DC)' 
_entity_poly.pdbx_seq_one_letter_code_can   GGACCTXGGTCC 
_entity_poly.pdbx_strand_id                 A 
_entity_poly.pdbx_target_identifier         ? 
# 
loop_
_pdbx_entity_nonpoly.entity_id 
_pdbx_entity_nonpoly.name 
_pdbx_entity_nonpoly.comp_id 
2 'COBALT HEXAMMINE(III)' NCO 
3 'COBALT (II) ION'       CO  
# 
loop_
_entity_poly_seq.entity_id 
_entity_poly_seq.num 
_entity_poly_seq.mon_id 
_entity_poly_seq.hetero 
1 1  DG  n 
1 2  DG  n 
1 3  DA  n 
1 4  DC  n 
1 5  DC  n 
1 6  DT  n 
1 7  OHU n 
1 8  DG  n 
1 9  DG  n 
1 10 DT  n 
1 11 DC  n 
1 12 DC  n 
# 
_pdbx_entity_src_syn.entity_id              1 
_pdbx_entity_src_syn.pdbx_src_id            1 
_pdbx_entity_src_syn.pdbx_alt_source_flag   sample 
_pdbx_entity_src_syn.pdbx_beg_seq_num       1 
_pdbx_entity_src_syn.pdbx_end_seq_num       12 
_pdbx_entity_src_syn.organism_scientific    'synthetic construct' 
_pdbx_entity_src_syn.organism_common_name   ? 
_pdbx_entity_src_syn.ncbi_taxonomy_id       32630 
_pdbx_entity_src_syn.details                ? 
# 
loop_
_chem_comp.id 
_chem_comp.type 
_chem_comp.mon_nstd_flag 
_chem_comp.name 
_chem_comp.pdbx_synonyms 
_chem_comp.formula 
_chem_comp.formula_weight 
CO  non-polymer   . 'COBALT (II) ION'                                     ? 'Co 2'            58.933  
DA  'DNA linking' y "2'-DEOXYADENOSINE-5'-MONOPHOSPHATE"                  ? 'C10 H14 N5 O6 P' 331.222 
DC  'DNA linking' y "2'-DEOXYCYTIDINE-5'-MONOPHOSPHATE"                   ? 'C9 H14 N3 O7 P'  307.197 
DG  'DNA linking' y "2'-DEOXYGUANOSINE-5'-MONOPHOSPHATE"                  ? 'C10 H14 N5 O7 P' 347.221 
DT  'DNA linking' y "THYMIDINE-5'-MONOPHOSPHATE"                          ? 'C10 H15 N2 O8 P' 322.208 
NCO non-polymer   . 'COBALT HEXAMMINE(III)'                               ? 'Co H18 N6 3'     161.116 
OHU 'DNA linking' n 
;2'-deoxy-5-hydroxyuridine 5'-(dihydrogen phosphate)
;
? 'C9 H13 N2 O9 P'  324.181 
# 
loop_
_pdbx_poly_seq_scheme.asym_id 
_pdbx_poly_seq_scheme.entity_id 
_pdbx_poly_seq_scheme.seq_id 
_pdbx_poly_seq_scheme.mon_id 
_pdbx_poly_seq_scheme.ndb_seq_num 
_pdbx_poly_seq_scheme.pdb_seq_num 
_pdbx_poly_seq_scheme.auth_seq_num 
_pdbx_poly_seq_scheme.pdb_mon_id 
_pdbx_poly_seq_scheme.auth_mon_id 
_pdbx_poly_seq_scheme.pdb_strand_id 
_pdbx_poly_seq_scheme.pdb_ins_code 
_pdbx_poly_seq_scheme.hetero 
A 1 1  DG  1  1  1  DG  DG  A . n 
A 1 2  DG  2  2  2  DG  DG  A . n 
A 1 3  DA  3  3  3  DA  DA  A . n 
A 1 4  DC  4  4  4  DC  DC  A . n 
A 1 5  DC  5  5  5  DC  DC  A . n 
A 1 6  DT  6  6  6  DT  DT  A . n 
A 1 7  OHU 7  7  7  OHU 6HU A . n 
A 1 8  DG  8  8  8  DG  DG  A . n 
A 1 9  DG  9  9  9  DG  DG  A . n 
A 1 10 DT  10 10 10 DT  DT  A . n 
A 1 11 DC  11 11 11 DC  DC  A . n 
A 1 12 DC  12 12 12 DC  DC  A . n 
# 
loop_
_pdbx_nonpoly_scheme.asym_id 
_pdbx_nonpoly_scheme.entity_id 
_pdbx_nonpoly_scheme.mon_id 
_pdbx_nonpoly_scheme.ndb_seq_num 
_pdbx_nonpoly_scheme.pdb_seq_num 
_pdbx_nonpoly_scheme.auth_seq_num 
_pdbx_nonpoly_scheme.pdb_mon_id 
_pdbx_nonpoly_scheme.auth_mon_id 
_pdbx_nonpoly_scheme.pdb_strand_id 
_pdbx_nonpoly_scheme.pdb_ins_code 
B 2 NCO 1 101 51 NCO NCO A . 
C 3 CO  1 102 1  CO  CO  A . 
# 
loop_
_software.citation_id 
_software.classification 
_software.compiler_name 
_software.compiler_version 
_software.contact_author 
_software.contact_author_email 
_software.date 
_software.description 
_software.dependencies 
_software.hardware 
_software.language 
_software.location 
_software.mods 
_software.name 
_software.os 
_software.os_version 
_software.type 
_software.version 
_software.pdbx_ordinal 
? 'data scaling'    ? ? ? ? ? ? ? ? ? ? ? XSCALE      ? ? ? .      1 
? refinement        ? ? ? ? ? ? ? ? ? ? ? PHENIX      ? ? ? 1.17.1 2 
? 'data extraction' ? ? ? ? ? ? ? ? ? ? ? PDB_EXTRACT ? ? ? 3.27   3 
? 'data reduction'  ? ? ? ? ? ? ? ? ? ? ? XDS         ? ? ? .      4 
? phasing           ? ? ? ? ? ? ? ? ? ? ? PHASER      ? ? ? .      5 
# 
_cell.angle_alpha                  90.000 
_cell.angle_alpha_esd              ? 
_cell.angle_beta                   90.000 
_cell.angle_beta_esd               ? 
_cell.angle_gamma                  120.000 
_cell.angle_gamma_esd              ? 
_cell.entry_id                     7YGP 
_cell.details                      ? 
_cell.formula_units_Z              ? 
_cell.length_a                     36.672 
_cell.length_a_esd                 ? 
_cell.length_b                     36.672 
_cell.length_b_esd                 ? 
_cell.length_c                     54.990 
_cell.length_c_esd                 ? 
_cell.volume                       ? 
_cell.volume_esd                   ? 
_cell.Z_PDB                        6 
_cell.reciprocal_angle_alpha       ? 
_cell.reciprocal_angle_beta        ? 
_cell.reciprocal_angle_gamma       ? 
_cell.reciprocal_angle_alpha_esd   ? 
_cell.reciprocal_angle_beta_esd    ? 
_cell.reciprocal_angle_gamma_esd   ? 
_cell.reciprocal_length_a          ? 
_cell.reciprocal_length_b          ? 
_cell.reciprocal_length_c          ? 
_cell.reciprocal_length_a_esd      ? 
_cell.reciprocal_length_b_esd      ? 
_cell.reciprocal_length_c_esd      ? 
_cell.pdbx_unique_axis             ? 
_cell.pdbx_esd_method              ? 
# 
_symmetry.entry_id                         7YGP 
_symmetry.cell_setting                     ? 
_symmetry.Int_Tables_number                152 
_symmetry.space_group_name_Hall            ? 
_symmetry.space_group_name_H-M             'P 31 2 1' 
_symmetry.pdbx_full_space_group_name_H-M   ? 
# 
_exptl.absorpt_coefficient_mu     ? 
_exptl.absorpt_correction_T_max   ? 
_exptl.absorpt_correction_T_min   ? 
_exptl.absorpt_correction_type    ? 
_exptl.absorpt_process_details    ? 
_exptl.entry_id                   7YGP 
_exptl.crystals_number            1 
_exptl.details                    ? 
_exptl.method                     'X-RAY DIFFRACTION' 
_exptl.method_details             ? 
# 
_exptl_crystal.colour                       ? 
_exptl_crystal.density_diffrn               ? 
_exptl_crystal.density_Matthews             2.92 
_exptl_crystal.density_method               ? 
_exptl_crystal.density_percent_sol          57.87 
_exptl_crystal.description                  ? 
_exptl_crystal.F_000                        ? 
_exptl_crystal.id                           1 
_exptl_crystal.preparation                  ? 
_exptl_crystal.size_max                     ? 
_exptl_crystal.size_mid                     ? 
_exptl_crystal.size_min                     ? 
_exptl_crystal.size_rad                     ? 
_exptl_crystal.colour_lustre                ? 
_exptl_crystal.colour_modifier              ? 
_exptl_crystal.colour_primary               ? 
_exptl_crystal.density_meas                 ? 
_exptl_crystal.density_meas_esd             ? 
_exptl_crystal.density_meas_gt              ? 
_exptl_crystal.density_meas_lt              ? 
_exptl_crystal.density_meas_temp            ? 
_exptl_crystal.density_meas_temp_esd        ? 
_exptl_crystal.density_meas_temp_gt         ? 
_exptl_crystal.density_meas_temp_lt         ? 
_exptl_crystal.pdbx_crystal_image_url       ? 
_exptl_crystal.pdbx_crystal_image_format    ? 
_exptl_crystal.pdbx_mosaicity               ? 
_exptl_crystal.pdbx_mosaicity_esd           ? 
_exptl_crystal.pdbx_mosaic_method           ? 
_exptl_crystal.pdbx_mosaic_block_size       ? 
_exptl_crystal.pdbx_mosaic_block_size_esd   ? 
# 
_exptl_crystal_grow.apparatus       ? 
_exptl_crystal_grow.atmosphere      ? 
_exptl_crystal_grow.crystal_id      1 
_exptl_crystal_grow.details         ? 
_exptl_crystal_grow.method          'VAPOR DIFFUSION, HANGING DROP' 
_exptl_crystal_grow.method_ref      ? 
_exptl_crystal_grow.pH              ? 
_exptl_crystal_grow.pressure        ? 
_exptl_crystal_grow.pressure_esd    ? 
_exptl_crystal_grow.seeding         ? 
_exptl_crystal_grow.seeding_ref     ? 
_exptl_crystal_grow.temp            293 
_exptl_crystal_grow.temp_details    ? 
_exptl_crystal_grow.temp_esd        ? 
_exptl_crystal_grow.time            ? 
_exptl_crystal_grow.pdbx_details    'MPD, lithium chloride, hexammine cobalt chloride, Sodium cacodylate' 
_exptl_crystal_grow.pdbx_pH_range   ? 
# 
_diffrn.ambient_environment              ? 
_diffrn.ambient_temp                     100 
_diffrn.ambient_temp_details             ? 
_diffrn.ambient_temp_esd                 ? 
_diffrn.crystal_id                       1 
_diffrn.crystal_support                  ? 
_diffrn.crystal_treatment                ? 
_diffrn.details                          ? 
_diffrn.id                               1 
_diffrn.ambient_pressure                 ? 
_diffrn.ambient_pressure_esd             ? 
_diffrn.ambient_pressure_gt              ? 
_diffrn.ambient_pressure_lt              ? 
_diffrn.ambient_temp_gt                  ? 
_diffrn.ambient_temp_lt                  ? 
_diffrn.pdbx_serial_crystal_experiment   N 
# 
_diffrn_detector.details                      ? 
_diffrn_detector.detector                     PIXEL 
_diffrn_detector.diffrn_id                    1 
_diffrn_detector.type                         'DECTRIS EIGER X 16M' 
_diffrn_detector.area_resol_mean              ? 
_diffrn_detector.dtime                        ? 
_diffrn_detector.pdbx_frames_total            ? 
_diffrn_detector.pdbx_collection_time_total   ? 
_diffrn_detector.pdbx_collection_date         2018-03-15 
_diffrn_detector.pdbx_frequency               ? 
# 
_diffrn_radiation.collimation                      ? 
_diffrn_radiation.diffrn_id                        1 
_diffrn_radiation.filter_edge                      ? 
_diffrn_radiation.inhomogeneity                    ? 
_diffrn_radiation.monochromator                    ? 
_diffrn_radiation.polarisn_norm                    ? 
_diffrn_radiation.polarisn_ratio                   ? 
_diffrn_radiation.probe                            ? 
_diffrn_radiation.type                             ? 
_diffrn_radiation.xray_symbol                      ? 
_diffrn_radiation.wavelength_id                    1 
_diffrn_radiation.pdbx_monochromatic_or_laue_m_l   M 
_diffrn_radiation.pdbx_wavelength_list             ? 
_diffrn_radiation.pdbx_wavelength                  ? 
_diffrn_radiation.pdbx_diffrn_protocol             'SINGLE WAVELENGTH' 
_diffrn_radiation.pdbx_analyzer                    ? 
_diffrn_radiation.pdbx_scattering_type             x-ray 
# 
_diffrn_radiation_wavelength.id           1 
_diffrn_radiation_wavelength.wavelength   1.00835 
_diffrn_radiation_wavelength.wt           1.0 
# 
_diffrn_source.current                     ? 
_diffrn_source.details                     ? 
_diffrn_source.diffrn_id                   1 
_diffrn_source.power                       ? 
_diffrn_source.size                        ? 
_diffrn_source.source                      SYNCHROTRON 
_diffrn_source.target                      ? 
_diffrn_source.type                        'PHOTON FACTORY BEAMLINE BL-17A' 
_diffrn_source.voltage                     ? 
_diffrn_source.take-off_angle              ? 
_diffrn_source.pdbx_wavelength_list        1.00835 
_diffrn_source.pdbx_wavelength             ? 
_diffrn_source.pdbx_synchrotron_beamline   BL-17A 
_diffrn_source.pdbx_synchrotron_site       'Photon Factory' 
# 
_reflns.B_iso_Wilson_estimate                          59.170 
_reflns.entry_id                                       7YGP 
_reflns.data_reduction_details                         ? 
_reflns.data_reduction_method                          ? 
_reflns.d_resolution_high                              1.9970 
_reflns.d_resolution_low                               20.787 
_reflns.details                                        ? 
_reflns.limit_h_max                                    ? 
_reflns.limit_h_min                                    ? 
_reflns.limit_k_max                                    ? 
_reflns.limit_k_min                                    ? 
_reflns.limit_l_max                                    ? 
_reflns.limit_l_min                                    ? 
_reflns.number_all                                     ? 
_reflns.number_obs                                     5348 
_reflns.observed_criterion                             ? 
_reflns.observed_criterion_F_max                       ? 
_reflns.observed_criterion_F_min                       ? 
_reflns.observed_criterion_I_max                       ? 
_reflns.observed_criterion_I_min                       ? 
_reflns.observed_criterion_sigma_F                     ? 
_reflns.observed_criterion_sigma_I                     ? 
_reflns.percent_possible_obs                           95.100 
_reflns.R_free_details                                 ? 
_reflns.Rmerge_F_all                                   ? 
_reflns.Rmerge_F_obs                                   ? 
_reflns.Friedel_coverage                               ? 
_reflns.number_gt                                      ? 
_reflns.threshold_expression                           ? 
_reflns.pdbx_redundancy                                2.655 
_reflns.pdbx_Rmerge_I_obs                              0.026 
_reflns.pdbx_Rmerge_I_all                              ? 
_reflns.pdbx_Rsym_value                                ? 
_reflns.pdbx_netI_over_av_sigmaI                       ? 
_reflns.pdbx_netI_over_sigmaI                          17.440 
_reflns.pdbx_res_netI_over_av_sigmaI_2                 ? 
_reflns.pdbx_res_netI_over_sigmaI_2                    ? 
_reflns.pdbx_chi_squared                               1.987 
_reflns.pdbx_scaling_rejects                           ? 
_reflns.pdbx_d_res_high_opt                            ? 
_reflns.pdbx_d_res_low_opt                             ? 
_reflns.pdbx_d_res_opt_method                          ? 
_reflns.phase_calculation_details                      ? 
_reflns.pdbx_Rrim_I_all                                0.032 
_reflns.pdbx_Rpim_I_all                                ? 
_reflns.pdbx_d_opt                                     ? 
_reflns.pdbx_number_measured_all                       ? 
_reflns.pdbx_diffrn_id                                 1 
_reflns.pdbx_ordinal                                   1 
_reflns.pdbx_CC_half                                   0.999 
_reflns.pdbx_CC_star                                   ? 
_reflns.pdbx_R_split                                   ? 
_reflns.pdbx_aniso_diffraction_limit_axis_1_ortho[1]   ? 
_reflns.pdbx_aniso_diffraction_limit_axis_1_ortho[2]   ? 
_reflns.pdbx_aniso_diffraction_limit_axis_1_ortho[3]   ? 
_reflns.pdbx_aniso_diffraction_limit_axis_2_ortho[1]   ? 
_reflns.pdbx_aniso_diffraction_limit_axis_2_ortho[2]   ? 
_reflns.pdbx_aniso_diffraction_limit_axis_2_ortho[3]   ? 
_reflns.pdbx_aniso_diffraction_limit_axis_3_ortho[1]   ? 
_reflns.pdbx_aniso_diffraction_limit_axis_3_ortho[2]   ? 
_reflns.pdbx_aniso_diffraction_limit_axis_3_ortho[3]   ? 
_reflns.pdbx_aniso_diffraction_limit_1                 ? 
_reflns.pdbx_aniso_diffraction_limit_2                 ? 
_reflns.pdbx_aniso_diffraction_limit_3                 ? 
_reflns.pdbx_aniso_B_tensor_eigenvector_1_ortho[1]     ? 
_reflns.pdbx_aniso_B_tensor_eigenvector_1_ortho[2]     ? 
_reflns.pdbx_aniso_B_tensor_eigenvector_1_ortho[3]     ? 
_reflns.pdbx_aniso_B_tensor_eigenvector_2_ortho[1]     ? 
_reflns.pdbx_aniso_B_tensor_eigenvector_2_ortho[2]     ? 
_reflns.pdbx_aniso_B_tensor_eigenvector_2_ortho[3]     ? 
_reflns.pdbx_aniso_B_tensor_eigenvector_3_ortho[1]     ? 
_reflns.pdbx_aniso_B_tensor_eigenvector_3_ortho[2]     ? 
_reflns.pdbx_aniso_B_tensor_eigenvector_3_ortho[3]     ? 
_reflns.pdbx_aniso_B_tensor_eigenvalue_1               ? 
_reflns.pdbx_aniso_B_tensor_eigenvalue_2               ? 
_reflns.pdbx_aniso_B_tensor_eigenvalue_3               ? 
_reflns.pdbx_orthogonalization_convention              ? 
_reflns.pdbx_percent_possible_ellipsoidal              ? 
_reflns.pdbx_percent_possible_spherical                ? 
_reflns.pdbx_percent_possible_ellipsoidal_anomalous    ? 
_reflns.pdbx_percent_possible_spherical_anomalous      ? 
_reflns.pdbx_redundancy_anomalous                      ? 
_reflns.pdbx_CC_half_anomalous                         ? 
_reflns.pdbx_absDiff_over_sigma_anomalous              ? 
_reflns.pdbx_percent_possible_anomalous                ? 
_reflns.pdbx_observed_signal_threshold                 ? 
_reflns.pdbx_signal_type                               ? 
_reflns.pdbx_signal_details                            ? 
_reflns.pdbx_signal_software_id                        ? 
_reflns.pdbx_CC_split_method                           ? 
# 
loop_
_reflns_shell.d_res_high 
_reflns_shell.d_res_low 
_reflns_shell.meanI_over_sigI_all 
_reflns_shell.meanI_over_sigI_obs 
_reflns_shell.number_measured_all 
_reflns_shell.number_measured_obs 
_reflns_shell.number_possible 
_reflns_shell.number_unique_all 
_reflns_shell.number_unique_obs 
_reflns_shell.percent_possible_all 
_reflns_shell.percent_possible_obs 
_reflns_shell.Rmerge_F_all 
_reflns_shell.Rmerge_F_obs 
_reflns_shell.Rmerge_I_all 
_reflns_shell.Rmerge_I_obs 
_reflns_shell.meanI_over_sigI_gt 
_reflns_shell.meanI_over_uI_all 
_reflns_shell.meanI_over_uI_gt 
_reflns_shell.number_measured_gt 
_reflns_shell.number_unique_gt 
_reflns_shell.percent_possible_gt 
_reflns_shell.Rmerge_F_gt 
_reflns_shell.Rmerge_I_gt 
_reflns_shell.pdbx_redundancy 
_reflns_shell.pdbx_Rsym_value 
_reflns_shell.pdbx_chi_squared 
_reflns_shell.pdbx_netI_over_sigmaI_all 
_reflns_shell.pdbx_netI_over_sigmaI_obs 
_reflns_shell.pdbx_Rrim_I_all 
_reflns_shell.pdbx_Rpim_I_all 
_reflns_shell.pdbx_rejects 
_reflns_shell.pdbx_ordinal 
_reflns_shell.pdbx_diffrn_id 
_reflns_shell.pdbx_CC_half 
_reflns_shell.pdbx_CC_star 
_reflns_shell.pdbx_R_split 
_reflns_shell.pdbx_percent_possible_ellipsoidal 
_reflns_shell.pdbx_percent_possible_spherical 
_reflns_shell.pdbx_percent_possible_ellipsoidal_anomalous 
_reflns_shell.pdbx_percent_possible_spherical_anomalous 
_reflns_shell.pdbx_redundancy_anomalous 
_reflns_shell.pdbx_CC_half_anomalous 
_reflns_shell.pdbx_absDiff_over_sigma_anomalous 
_reflns_shell.pdbx_percent_possible_anomalous 
2.000 2.050  ? 2.070  ? 1127 449 ? 417 92.900 ? ? ? ? 0.396 ? ? ? ? ? ? ? ? 2.703 ? ? ? ? 0.486 ? ? 1  1 0.842 ? ? ? ? ? ? ? ? ? ? 
2.050 2.110  ? 3.100  ? 1029 398 ? 380 95.500 ? ? ? ? 0.279 ? ? ? ? ? ? ? ? 2.708 ? ? ? ? 0.342 ? ? 2  1 0.927 ? ? ? ? ? ? ? ? ? ? 
2.110 2.170  ? 3.500  ? 959  371 ? 346 93.300 ? ? ? ? 0.250 ? ? ? ? ? ? ? ? 2.772 ? ? ? ? 0.305 ? ? 3  1 0.964 ? ? ? ? ? ? ? ? ? ? 
2.170 2.230  ? 4.500  ? 978  392 ? 369 94.100 ? ? ? ? 0.156 ? ? ? ? ? ? ? ? 2.650 ? ? ? ? 0.190 ? ? 4  1 0.987 ? ? ? ? ? ? ? ? ? ? 
2.230 2.310  ? 6.680  ? 932  378 ? 352 93.100 ? ? ? ? 0.113 ? ? ? ? ? ? ? ? 2.648 ? ? ? ? 0.138 ? ? 5  1 0.989 ? ? ? ? ? ? ? ? ? ? 
2.310 2.390  ? 8.530  ? 861  346 ? 336 97.100 ? ? ? ? 0.083 ? ? ? ? ? ? ? ? 2.562 ? ? ? ? 0.102 ? ? 6  1 0.995 ? ? ? ? ? ? ? ? ? ? 
2.390 2.480  ? 11.040 ? 964  363 ? 350 96.400 ? ? ? ? 0.065 ? ? ? ? ? ? ? ? 2.754 ? ? ? ? 0.078 ? ? 7  1 0.997 ? ? ? ? ? ? ? ? ? ? 
2.480 2.580  ? 16.460 ? 799  300 ? 290 96.700 ? ? ? ? 0.048 ? ? ? ? ? ? ? ? 2.755 ? ? ? ? 0.058 ? ? 8  1 0.997 ? ? ? ? ? ? ? ? ? ? 
2.580 2.700  ? 17.460 ? 921  342 ? 328 95.900 ? ? ? ? 0.039 ? ? ? ? ? ? ? ? 2.808 ? ? ? ? 0.047 ? ? 9  1 0.999 ? ? ? ? ? ? ? ? ? ? 
2.700 2.830  ? 21.500 ? 799  310 ? 299 96.500 ? ? ? ? 0.039 ? ? ? ? ? ? ? ? 2.672 ? ? ? ? 0.047 ? ? 10 1 0.998 ? ? ? ? ? ? ? ? ? ? 
2.830 2.980  ? 25.440 ? 686  271 ? 261 96.300 ? ? ? ? 0.035 ? ? ? ? ? ? ? ? 2.628 ? ? ? ? 0.042 ? ? 11 1 0.998 ? ? ? ? ? ? ? ? ? ? 
2.980 3.160  ? 29.490 ? 688  283 ? 273 96.500 ? ? ? ? 0.024 ? ? ? ? ? ? ? ? 2.520 ? ? ? ? 0.028 ? ? 12 1 0.999 ? ? ? ? ? ? ? ? ? ? 
3.160 3.380  ? 32.450 ? 600  255 ? 244 95.700 ? ? ? ? 0.024 ? ? ? ? ? ? ? ? 2.459 ? ? ? ? 0.029 ? ? 13 1 0.999 ? ? ? ? ? ? ? ? ? ? 
3.380 3.650  ? 34.750 ? 606  255 ? 240 94.100 ? ? ? ? 0.023 ? ? ? ? ? ? ? ? 2.525 ? ? ? ? 0.028 ? ? 14 1 0.999 ? ? ? ? ? ? ? ? ? ? 
3.650 4.000  ? 35.720 ? 557  216 ? 208 96.300 ? ? ? ? 0.021 ? ? ? ? ? ? ? ? 2.678 ? ? ? ? 0.025 ? ? 15 1 0.999 ? ? ? ? ? ? ? ? ? ? 
4.000 4.470  ? 37.360 ? 494  192 ? 182 94.800 ? ? ? ? 0.024 ? ? ? ? ? ? ? ? 2.714 ? ? ? ? 0.030 ? ? 16 1 0.998 ? ? ? ? ? ? ? ? ? ? 
4.470 5.160  ? 36.610 ? 435  176 ? 169 96.000 ? ? ? ? 0.021 ? ? ? ? ? ? ? ? 2.574 ? ? ? ? 0.026 ? ? 17 1 0.998 ? ? ? ? ? ? ? ? ? ? 
5.160 6.320  ? 36.030 ? 348  150 ? 142 94.700 ? ? ? ? 0.025 ? ? ? ? ? ? ? ? 2.451 ? ? ? ? 0.031 ? ? 18 1 0.998 ? ? ? ? ? ? ? ? ? ? 
6.320 8.940  ? 36.040 ? 274  114 ? 108 94.700 ? ? ? ? 0.028 ? ? ? ? ? ? ? ? 2.537 ? ? ? ? 0.037 ? ? 19 1 0.996 ? ? ? ? ? ? ? ? ? ? 
8.940 20.787 ? 36.940 ? 140  65  ? 54  83.100 ? ? ? ? 0.025 ? ? ? ? ? ? ? ? 2.593 ? ? ? ? 0.032 ? ? 20 1 0.998 ? ? ? ? ? ? ? ? ? ? 
# 
_refine.aniso_B[1][1]                            ? 
_refine.aniso_B[1][2]                            ? 
_refine.aniso_B[1][3]                            ? 
_refine.aniso_B[2][2]                            ? 
_refine.aniso_B[2][3]                            ? 
_refine.aniso_B[3][3]                            ? 
_refine.B_iso_max                                108.240 
_refine.B_iso_mean                               60.4473 
_refine.B_iso_min                                47.660 
_refine.correlation_coeff_Fo_to_Fc               ? 
_refine.correlation_coeff_Fo_to_Fc_free          ? 
_refine.details                                  ? 
_refine.diff_density_max                         ? 
_refine.diff_density_max_esd                     ? 
_refine.diff_density_min                         ? 
_refine.diff_density_min_esd                     ? 
_refine.diff_density_rms                         ? 
_refine.diff_density_rms_esd                     ? 
_refine.entry_id                                 7YGP 
_refine.pdbx_refine_id                           'X-RAY DIFFRACTION' 
_refine.ls_abs_structure_details                 ? 
_refine.ls_abs_structure_Flack                   ? 
_refine.ls_abs_structure_Flack_esd               ? 
_refine.ls_abs_structure_Rogers                  ? 
_refine.ls_abs_structure_Rogers_esd              ? 
_refine.ls_d_res_high                            1.9970 
_refine.ls_d_res_low                             20.7870 
_refine.ls_extinction_coef                       ? 
_refine.ls_extinction_coef_esd                   ? 
_refine.ls_extinction_expression                 ? 
_refine.ls_extinction_method                     ? 
_refine.ls_goodness_of_fit_all                   ? 
_refine.ls_goodness_of_fit_all_esd               ? 
_refine.ls_goodness_of_fit_obs                   ? 
_refine.ls_goodness_of_fit_obs_esd               ? 
_refine.ls_hydrogen_treatment                    ? 
_refine.ls_matrix_type                           ? 
_refine.ls_number_constraints                    ? 
_refine.ls_number_parameters                     ? 
_refine.ls_number_reflns_all                     ? 
_refine.ls_number_reflns_obs                     5336 
_refine.ls_number_reflns_R_free                  529 
_refine.ls_number_reflns_R_work                  4807 
_refine.ls_number_restraints                     ? 
_refine.ls_percent_reflns_obs                    94.8300 
_refine.ls_percent_reflns_R_free                 9.9100 
_refine.ls_R_factor_all                          ? 
_refine.ls_R_factor_obs                          0.2194 
_refine.ls_R_factor_R_free                       0.2254 
_refine.ls_R_factor_R_free_error                 ? 
_refine.ls_R_factor_R_free_error_details         ? 
_refine.ls_R_factor_R_work                       0.2186 
_refine.ls_R_Fsqd_factor_obs                     ? 
_refine.ls_R_I_factor_obs                        ? 
_refine.ls_redundancy_reflns_all                 ? 
_refine.ls_redundancy_reflns_obs                 ? 
_refine.ls_restrained_S_all                      ? 
_refine.ls_restrained_S_obs                      ? 
_refine.ls_shift_over_esd_max                    ? 
_refine.ls_shift_over_esd_mean                   ? 
_refine.ls_structure_factor_coef                 ? 
_refine.ls_weighting_details                     ? 
_refine.ls_weighting_scheme                      ? 
_refine.ls_wR_factor_all                         ? 
_refine.ls_wR_factor_obs                         ? 
_refine.ls_wR_factor_R_free                      ? 
_refine.ls_wR_factor_R_work                      ? 
_refine.occupancy_max                            ? 
_refine.occupancy_min                            ? 
_refine.solvent_model_details                    'FLAT BULK SOLVENT MODEL' 
_refine.solvent_model_param_bsol                 ? 
_refine.solvent_model_param_ksol                 ? 
_refine.pdbx_R_complete                          ? 
_refine.ls_R_factor_gt                           ? 
_refine.ls_goodness_of_fit_gt                    ? 
_refine.ls_goodness_of_fit_ref                   ? 
_refine.ls_shift_over_su_max                     ? 
_refine.ls_shift_over_su_max_lt                  ? 
_refine.ls_shift_over_su_mean                    ? 
_refine.ls_shift_over_su_mean_lt                 ? 
_refine.pdbx_ls_sigma_I                          ? 
_refine.pdbx_ls_sigma_F                          1.380 
_refine.pdbx_ls_sigma_Fsqd                       ? 
_refine.pdbx_data_cutoff_high_absF               ? 
_refine.pdbx_data_cutoff_high_rms_absF           ? 
_refine.pdbx_data_cutoff_low_absF                ? 
_refine.pdbx_isotropic_thermal_model             ? 
_refine.pdbx_ls_cross_valid_method               THROUGHOUT 
_refine.pdbx_method_to_determine_struct          'MOLECULAR REPLACEMENT' 
_refine.pdbx_starting_model                      ? 
_refine.pdbx_stereochemistry_target_values       ML 
_refine.pdbx_R_Free_selection_details            ? 
_refine.pdbx_stereochem_target_val_spec_case     ? 
_refine.pdbx_overall_ESU_R                       ? 
_refine.pdbx_overall_ESU_R_Free                  ? 
_refine.pdbx_solvent_vdw_probe_radii             1.1100 
_refine.pdbx_solvent_ion_probe_radii             ? 
_refine.pdbx_solvent_shrinkage_radii             0.9000 
_refine.pdbx_real_space_R                        ? 
_refine.pdbx_density_correlation                 ? 
_refine.pdbx_pd_number_of_powder_patterns        ? 
_refine.pdbx_pd_number_of_points                 ? 
_refine.pdbx_pd_meas_number_of_points            ? 
_refine.pdbx_pd_proc_ls_prof_R_factor            ? 
_refine.pdbx_pd_proc_ls_prof_wR_factor           ? 
_refine.pdbx_pd_Marquardt_correlation_coeff      ? 
_refine.pdbx_pd_Fsqrd_R_factor                   ? 
_refine.pdbx_pd_ls_matrix_band_width             ? 
_refine.pdbx_overall_phase_error                 41.6300 
_refine.pdbx_overall_SU_R_free_Cruickshank_DPI   ? 
_refine.pdbx_overall_SU_R_free_Blow_DPI          ? 
_refine.pdbx_overall_SU_R_Blow_DPI               ? 
_refine.pdbx_TLS_residual_ADP_flag               ? 
_refine.pdbx_diffrn_id                           1 
_refine.overall_SU_B                             ? 
_refine.overall_SU_ML                            0.3500 
_refine.overall_SU_R_Cruickshank_DPI             ? 
_refine.overall_SU_R_free                        ? 
_refine.overall_FOM_free_R_set                   ? 
_refine.overall_FOM_work_R_set                   ? 
_refine.pdbx_average_fsc_overall                 ? 
_refine.pdbx_average_fsc_work                    ? 
_refine.pdbx_average_fsc_free                    ? 
# 
_refine_hist.pdbx_refine_id                   'X-RAY DIFFRACTION' 
_refine_hist.cycle_id                         final 
_refine_hist.details                          ? 
_refine_hist.d_res_high                       1.9970 
_refine_hist.d_res_low                        20.7870 
_refine_hist.number_atoms_solvent             0 
_refine_hist.number_atoms_total               250 
_refine_hist.number_reflns_all                ? 
_refine_hist.number_reflns_obs                ? 
_refine_hist.number_reflns_R_free             ? 
_refine_hist.number_reflns_R_work             ? 
_refine_hist.R_factor_all                     ? 
_refine_hist.R_factor_obs                     ? 
_refine_hist.R_factor_R_free                  ? 
_refine_hist.R_factor_R_work                  ? 
_refine_hist.pdbx_number_residues_total       12 
_refine_hist.pdbx_B_iso_mean_ligand           85.42 
_refine_hist.pdbx_B_iso_mean_solvent          ? 
_refine_hist.pdbx_number_atoms_protein        0 
_refine_hist.pdbx_number_atoms_nucleic_acid   242 
_refine_hist.pdbx_number_atoms_ligand         8 
_refine_hist.pdbx_number_atoms_lipid          ? 
_refine_hist.pdbx_number_atoms_carb           ? 
_refine_hist.pdbx_pseudo_atom_details         ? 
# 
loop_
_refine_ls_restr.pdbx_refine_id 
_refine_ls_restr.criterion 
_refine_ls_restr.dev_ideal 
_refine_ls_restr.dev_ideal_target 
_refine_ls_restr.number 
_refine_ls_restr.rejects 
_refine_ls_restr.type 
_refine_ls_restr.weight 
_refine_ls_restr.pdbx_restraint_function 
'X-RAY DIFFRACTION' ? 0.008  ? 276 ? f_bond_d           ? ? 
'X-RAY DIFFRACTION' ? 1.153  ? 430 ? f_angle_d          ? ? 
'X-RAY DIFFRACTION' ? 0.045  ? 46  ? f_chiral_restr     ? ? 
'X-RAY DIFFRACTION' ? 0.005  ? 12  ? f_plane_restr      ? ? 
'X-RAY DIFFRACTION' ? 19.079 ? 110 ? f_dihedral_angle_d ? ? 
# 
loop_
_refine_ls_shell.pdbx_refine_id 
_refine_ls_shell.d_res_high 
_refine_ls_shell.d_res_low 
_refine_ls_shell.number_reflns_all 
_refine_ls_shell.number_reflns_obs 
_refine_ls_shell.number_reflns_R_free 
_refine_ls_shell.number_reflns_R_work 
_refine_ls_shell.percent_reflns_obs 
_refine_ls_shell.percent_reflns_R_free 
_refine_ls_shell.R_factor_all 
_refine_ls_shell.R_factor_obs 
_refine_ls_shell.R_factor_R_free 
_refine_ls_shell.R_factor_R_free_error 
_refine_ls_shell.R_factor_R_work 
_refine_ls_shell.redundancy_reflns_all 
_refine_ls_shell.redundancy_reflns_obs 
_refine_ls_shell.wR_factor_all 
_refine_ls_shell.wR_factor_obs 
_refine_ls_shell.wR_factor_R_free 
_refine_ls_shell.wR_factor_R_work 
_refine_ls_shell.pdbx_R_complete 
_refine_ls_shell.pdbx_total_number_of_bins_used 
_refine_ls_shell.pdbx_phase_error 
_refine_ls_shell.pdbx_fsc_work 
_refine_ls_shell.pdbx_fsc_free 
'X-RAY DIFFRACTION' 1.9970 2.1974  . . 136 1184 93.0000 . . . 0.5147 0.0000 0.4347 . . . . . . . . . . . 
'X-RAY DIFFRACTION' 2.1974 2.5149  . . 129 1186 95.0000 . . . 0.3901 0.0000 0.3602 . . . . . . . . . . . 
'X-RAY DIFFRACTION' 2.5149 3.1667  . . 136 1218 96.0000 . . . 0.3272 0.0000 0.2924 . . . . . . . . . . . 
'X-RAY DIFFRACTION' 3.1667 20.7870 . . 128 1219 95.0000 . . . 0.1691 0.0000 0.1681 . . . . . . . . . . . 
# 
_struct.entry_id                     7YGP 
_struct.title                        'DNA duplex containing 5OHU-T base pairs' 
_struct.pdbx_model_details           ? 
_struct.pdbx_formula_weight          ? 
_struct.pdbx_formula_weight_method   ? 
_struct.pdbx_model_type_details      ? 
_struct.pdbx_CASP_flag               N 
# 
_struct_keywords.entry_id        7YGP 
_struct_keywords.text            'DNA, metal-mediated base pair, metallo-DNA, mercury' 
_struct_keywords.pdbx_keywords   DNA 
# 
loop_
_struct_asym.id 
_struct_asym.pdbx_blank_PDB_chainid_flag 
_struct_asym.pdbx_modified 
_struct_asym.entity_id 
_struct_asym.details 
A N N 1 ? 
B N N 2 ? 
C N N 3 ? 
# 
_struct_ref.id                         1 
_struct_ref.db_name                    PDB 
_struct_ref.db_code                    7YGP 
_struct_ref.pdbx_db_accession          7YGP 
_struct_ref.pdbx_db_isoform            ? 
_struct_ref.entity_id                  1 
_struct_ref.pdbx_seq_one_letter_code   ? 
_struct_ref.pdbx_align_begin           1 
# 
_struct_ref_seq.align_id                      1 
_struct_ref_seq.ref_id                        1 
_struct_ref_seq.pdbx_PDB_id_code              7YGP 
_struct_ref_seq.pdbx_strand_id                A 
_struct_ref_seq.seq_align_beg                 1 
_struct_ref_seq.pdbx_seq_align_beg_ins_code   ? 
_struct_ref_seq.seq_align_end                 12 
_struct_ref_seq.pdbx_seq_align_end_ins_code   ? 
_struct_ref_seq.pdbx_db_accession             7YGP 
_struct_ref_seq.db_align_beg                  1 
_struct_ref_seq.pdbx_db_align_beg_ins_code    ? 
_struct_ref_seq.db_align_end                  12 
_struct_ref_seq.pdbx_db_align_end_ins_code    ? 
_struct_ref_seq.pdbx_auth_seq_align_beg       1 
_struct_ref_seq.pdbx_auth_seq_align_end       12 
# 
_pdbx_struct_assembly.id                   1 
_pdbx_struct_assembly.details              author_and_software_defined_assembly 
_pdbx_struct_assembly.method_details       PISA 
_pdbx_struct_assembly.oligomeric_details   dimeric 
_pdbx_struct_assembly.oligomeric_count     2 
# 
loop_
_pdbx_struct_assembly_prop.biol_id 
_pdbx_struct_assembly_prop.type 
_pdbx_struct_assembly_prop.value 
_pdbx_struct_assembly_prop.details 
1 'ABSA (A^2)' 1880 ? 
1 MORE         -25  ? 
1 'SSA (A^2)'  4400 ? 
# 
_pdbx_struct_assembly_gen.assembly_id       1 
_pdbx_struct_assembly_gen.oper_expression   1,2 
_pdbx_struct_assembly_gen.asym_id_list      A,B,C 
# 
_pdbx_struct_assembly_auth_evidence.id                     1 
_pdbx_struct_assembly_auth_evidence.assembly_id            1 
_pdbx_struct_assembly_auth_evidence.experimental_support   none 
_pdbx_struct_assembly_auth_evidence.details                ? 
# 
loop_
_pdbx_struct_oper_list.id 
_pdbx_struct_oper_list.type 
_pdbx_struct_oper_list.name 
_pdbx_struct_oper_list.symmetry_operation 
_pdbx_struct_oper_list.matrix[1][1] 
_pdbx_struct_oper_list.matrix[1][2] 
_pdbx_struct_oper_list.matrix[1][3] 
_pdbx_struct_oper_list.vector[1] 
_pdbx_struct_oper_list.matrix[2][1] 
_pdbx_struct_oper_list.matrix[2][2] 
_pdbx_struct_oper_list.matrix[2][3] 
_pdbx_struct_oper_list.vector[2] 
_pdbx_struct_oper_list.matrix[3][1] 
_pdbx_struct_oper_list.matrix[3][2] 
_pdbx_struct_oper_list.matrix[3][3] 
_pdbx_struct_oper_list.vector[3] 
1 'identity operation'         1_555 x,y,z              1.0000000000  0.0000000000  0.0000000000  0.0000000000  0.0000000000  1.0000000000  0.0000000000 0.0000000000 0.0000000000  0.0000000000 1.0000000000 0.0000000000  
2 'crystal symmetry operation' 6_765 -x+2,-x+y+1,-z+1/3 -0.0576588938 -0.0856232384 -0.9946577869 -2.0113190831 -0.0856232384 -0.9922200794 0.0903768500 3.0656579184 -0.9946577869 0.0903768500 0.0498789733 -2.1694297648 
# 
loop_
_struct_conn.id 
_struct_conn.conn_type_id 
_struct_conn.pdbx_leaving_atom_flag 
_struct_conn.pdbx_PDB_id 
_struct_conn.ptnr1_label_asym_id 
_struct_conn.ptnr1_label_comp_id 
_struct_conn.ptnr1_label_seq_id 
_struct_conn.ptnr1_label_atom_id 
_struct_conn.pdbx_ptnr1_label_alt_id 
_struct_conn.pdbx_ptnr1_PDB_ins_code 
_struct_conn.pdbx_ptnr1_standard_comp_id 
_struct_conn.ptnr1_symmetry 
_struct_conn.ptnr2_label_asym_id 
_struct_conn.ptnr2_label_comp_id 
_struct_conn.ptnr2_label_seq_id 
_struct_conn.ptnr2_label_atom_id 
_struct_conn.pdbx_ptnr2_label_alt_id 
_struct_conn.pdbx_ptnr2_PDB_ins_code 
_struct_conn.ptnr1_auth_asym_id 
_struct_conn.ptnr1_auth_comp_id 
_struct_conn.ptnr1_auth_seq_id 
_struct_conn.ptnr2_auth_asym_id 
_struct_conn.ptnr2_auth_comp_id 
_struct_conn.ptnr2_auth_seq_id 
_struct_conn.ptnr2_symmetry 
_struct_conn.pdbx_ptnr3_label_atom_id 
_struct_conn.pdbx_ptnr3_label_seq_id 
_struct_conn.pdbx_ptnr3_label_comp_id 
_struct_conn.pdbx_ptnr3_label_asym_id 
_struct_conn.pdbx_ptnr3_label_alt_id 
_struct_conn.pdbx_ptnr3_PDB_ins_code 
_struct_conn.details 
_struct_conn.pdbx_dist_value 
_struct_conn.pdbx_value_order 
_struct_conn.pdbx_role 
covale1  covale both ? A DT  6  "O3'" ? ? ? 1_555 A OHU 7  P  ? ? A DT  6  A OHU 7  1_555 ? ? ? ? ? ? ?            1.623 ? ? 
covale2  covale one  ? A OHU 7  "O3'" ? ? ? 1_555 A DG  8  P  ? ? A OHU 7  A DG  8  1_555 ? ? ? ? ? ? ?            1.620 ? ? 
hydrog1  hydrog ?    ? A DG  1  N1    ? ? ? 1_555 A DC  12 N3 ? ? A DG  1  A DC  12 6_765 ? ? ? ? ? ? WATSON-CRICK ?     ? ? 
hydrog2  hydrog ?    ? A DG  1  N2    ? ? ? 1_555 A DC  12 O2 ? ? A DG  1  A DC  12 6_765 ? ? ? ? ? ? WATSON-CRICK ?     ? ? 
hydrog3  hydrog ?    ? A DG  1  O6    ? ? ? 1_555 A DC  12 N4 ? ? A DG  1  A DC  12 6_765 ? ? ? ? ? ? WATSON-CRICK ?     ? ? 
hydrog4  hydrog ?    ? A DG  2  N1    ? ? ? 1_555 A DC  11 N3 ? ? A DG  2  A DC  11 6_765 ? ? ? ? ? ? WATSON-CRICK ?     ? ? 
hydrog5  hydrog ?    ? A DG  2  N2    ? ? ? 1_555 A DC  11 O2 ? ? A DG  2  A DC  11 6_765 ? ? ? ? ? ? WATSON-CRICK ?     ? ? 
hydrog6  hydrog ?    ? A DG  2  O6    ? ? ? 1_555 A DC  11 N4 ? ? A DG  2  A DC  11 6_765 ? ? ? ? ? ? WATSON-CRICK ?     ? ? 
hydrog7  hydrog ?    ? A DA  3  N1    ? ? ? 1_555 A DT  10 N3 ? ? A DA  3  A DT  10 6_765 ? ? ? ? ? ? WATSON-CRICK ?     ? ? 
hydrog8  hydrog ?    ? A DA  3  N6    ? ? ? 1_555 A DT  10 O4 ? ? A DA  3  A DT  10 6_765 ? ? ? ? ? ? WATSON-CRICK ?     ? ? 
hydrog9  hydrog ?    ? A DC  4  N3    ? ? ? 1_555 A DG  9  N1 ? ? A DC  4  A DG  9  6_765 ? ? ? ? ? ? WATSON-CRICK ?     ? ? 
hydrog10 hydrog ?    ? A DC  4  N4    ? ? ? 1_555 A DG  9  O6 ? ? A DC  4  A DG  9  6_765 ? ? ? ? ? ? WATSON-CRICK ?     ? ? 
hydrog11 hydrog ?    ? A DC  4  O2    ? ? ? 1_555 A DG  9  N2 ? ? A DC  4  A DG  9  6_765 ? ? ? ? ? ? WATSON-CRICK ?     ? ? 
hydrog12 hydrog ?    ? A DC  5  N3    ? ? ? 1_555 A DG  8  N1 ? ? A DC  5  A DG  8  6_765 ? ? ? ? ? ? WATSON-CRICK ?     ? ? 
hydrog13 hydrog ?    ? A DC  5  N4    ? ? ? 1_555 A DG  8  O6 ? ? A DC  5  A DG  8  6_765 ? ? ? ? ? ? WATSON-CRICK ?     ? ? 
hydrog14 hydrog ?    ? A DC  5  O2    ? ? ? 1_555 A DG  8  N2 ? ? A DC  5  A DG  8  6_765 ? ? ? ? ? ? WATSON-CRICK ?     ? ? 
hydrog15 hydrog ?    ? A DT  6  N3    ? ? ? 1_555 A OHU 7  O4 ? ? A DT  6  A OHU 7  6_765 ? ? ? ? ? ? TYPE_16_PAIR ?     ? ? 
hydrog16 hydrog ?    ? A DT  6  O2    ? ? ? 1_555 A OHU 7  N3 ? ? A DT  6  A OHU 7  6_765 ? ? ? ? ? ? TYPE_16_PAIR ?     ? ? 
hydrog17 hydrog ?    ? A OHU 7  N3    ? ? ? 1_555 A DT  6  O2 ? ? A OHU 7  A DT  6  6_765 ? ? ? ? ? ? TYPE_16_PAIR ?     ? ? 
hydrog18 hydrog ?    ? A OHU 7  O4    ? ? ? 1_555 A DT  6  N3 ? ? A OHU 7  A DT  6  6_765 ? ? ? ? ? ? TYPE_16_PAIR ?     ? ? 
hydrog19 hydrog ?    ? A DG  8  N1    ? ? ? 1_555 A DC  5  N3 ? ? A DG  8  A DC  5  6_765 ? ? ? ? ? ? WATSON-CRICK ?     ? ? 
hydrog20 hydrog ?    ? A DG  8  N2    ? ? ? 1_555 A DC  5  O2 ? ? A DG  8  A DC  5  6_765 ? ? ? ? ? ? WATSON-CRICK ?     ? ? 
hydrog21 hydrog ?    ? A DG  8  O6    ? ? ? 1_555 A DC  5  N4 ? ? A DG  8  A DC  5  6_765 ? ? ? ? ? ? WATSON-CRICK ?     ? ? 
hydrog22 hydrog ?    ? A DG  9  N1    ? ? ? 1_555 A DC  4  N3 ? ? A DG  9  A DC  4  6_765 ? ? ? ? ? ? WATSON-CRICK ?     ? ? 
hydrog23 hydrog ?    ? A DG  9  N2    ? ? ? 1_555 A DC  4  O2 ? ? A DG  9  A DC  4  6_765 ? ? ? ? ? ? WATSON-CRICK ?     ? ? 
hydrog24 hydrog ?    ? A DG  9  O6    ? ? ? 1_555 A DC  4  N4 ? ? A DG  9  A DC  4  6_765 ? ? ? ? ? ? WATSON-CRICK ?     ? ? 
hydrog25 hydrog ?    ? A DT  10 N3    ? ? ? 1_555 A DA  3  N1 ? ? A DT  10 A DA  3  6_765 ? ? ? ? ? ? WATSON-CRICK ?     ? ? 
hydrog26 hydrog ?    ? A DT  10 O4    ? ? ? 1_555 A DA  3  N6 ? ? A DT  10 A DA  3  6_765 ? ? ? ? ? ? WATSON-CRICK ?     ? ? 
hydrog27 hydrog ?    ? A DC  11 N3    ? ? ? 1_555 A DG  2  N1 ? ? A DC  11 A DG  2  6_765 ? ? ? ? ? ? WATSON-CRICK ?     ? ? 
hydrog28 hydrog ?    ? A DC  11 N4    ? ? ? 1_555 A DG  2  O6 ? ? A DC  11 A DG  2  6_765 ? ? ? ? ? ? WATSON-CRICK ?     ? ? 
hydrog29 hydrog ?    ? A DC  11 O2    ? ? ? 1_555 A DG  2  N2 ? ? A DC  11 A DG  2  6_765 ? ? ? ? ? ? WATSON-CRICK ?     ? ? 
hydrog30 hydrog ?    ? A DC  12 N3    ? ? ? 1_555 A DG  1  N1 ? ? A DC  12 A DG  1  6_765 ? ? ? ? ? ? WATSON-CRICK ?     ? ? 
hydrog31 hydrog ?    ? A DC  12 N4    ? ? ? 1_555 A DG  1  O6 ? ? A DC  12 A DG  1  6_765 ? ? ? ? ? ? WATSON-CRICK ?     ? ? 
hydrog32 hydrog ?    ? A DC  12 O2    ? ? ? 1_555 A DG  1  N2 ? ? A DC  12 A DG  1  6_765 ? ? ? ? ? ? WATSON-CRICK ?     ? ? 
# 
loop_
_struct_conn_type.id 
_struct_conn_type.criteria 
_struct_conn_type.reference 
covale ? ? 
hydrog ? ? 
# 
_pdbx_entry_details.entry_id                 7YGP 
_pdbx_entry_details.has_ligand_of_interest   Y 
_pdbx_entry_details.compound_details         ? 
_pdbx_entry_details.source_details           ? 
_pdbx_entry_details.nonpolymer_details       ? 
_pdbx_entry_details.sequence_details         ? 
# 
loop_
_chem_comp_atom.comp_id 
_chem_comp_atom.atom_id 
_chem_comp_atom.type_symbol 
_chem_comp_atom.pdbx_aromatic_flag 
_chem_comp_atom.pdbx_stereo_config 
_chem_comp_atom.pdbx_ordinal 
CO  CO     CO N N 1   
DA  OP3    O  N N 2   
DA  P      P  N N 3   
DA  OP1    O  N N 4   
DA  OP2    O  N N 5   
DA  "O5'"  O  N N 6   
DA  "C5'"  C  N N 7   
DA  "C4'"  C  N R 8   
DA  "O4'"  O  N N 9   
DA  "C3'"  C  N S 10  
DA  "O3'"  O  N N 11  
DA  "C2'"  C  N N 12  
DA  "C1'"  C  N R 13  
DA  N9     N  Y N 14  
DA  C8     C  Y N 15  
DA  N7     N  Y N 16  
DA  C5     C  Y N 17  
DA  C6     C  Y N 18  
DA  N6     N  N N 19  
DA  N1     N  Y N 20  
DA  C2     C  Y N 21  
DA  N3     N  Y N 22  
DA  C4     C  Y N 23  
DA  HOP3   H  N N 24  
DA  HOP2   H  N N 25  
DA  "H5'"  H  N N 26  
DA  "H5''" H  N N 27  
DA  "H4'"  H  N N 28  
DA  "H3'"  H  N N 29  
DA  "HO3'" H  N N 30  
DA  "H2'"  H  N N 31  
DA  "H2''" H  N N 32  
DA  "H1'"  H  N N 33  
DA  H8     H  N N 34  
DA  H61    H  N N 35  
DA  H62    H  N N 36  
DA  H2     H  N N 37  
DC  OP3    O  N N 38  
DC  P      P  N N 39  
DC  OP1    O  N N 40  
DC  OP2    O  N N 41  
DC  "O5'"  O  N N 42  
DC  "C5'"  C  N N 43  
DC  "C4'"  C  N R 44  
DC  "O4'"  O  N N 45  
DC  "C3'"  C  N S 46  
DC  "O3'"  O  N N 47  
DC  "C2'"  C  N N 48  
DC  "C1'"  C  N R 49  
DC  N1     N  N N 50  
DC  C2     C  N N 51  
DC  O2     O  N N 52  
DC  N3     N  N N 53  
DC  C4     C  N N 54  
DC  N4     N  N N 55  
DC  C5     C  N N 56  
DC  C6     C  N N 57  
DC  HOP3   H  N N 58  
DC  HOP2   H  N N 59  
DC  "H5'"  H  N N 60  
DC  "H5''" H  N N 61  
DC  "H4'"  H  N N 62  
DC  "H3'"  H  N N 63  
DC  "HO3'" H  N N 64  
DC  "H2'"  H  N N 65  
DC  "H2''" H  N N 66  
DC  "H1'"  H  N N 67  
DC  H41    H  N N 68  
DC  H42    H  N N 69  
DC  H5     H  N N 70  
DC  H6     H  N N 71  
DG  OP3    O  N N 72  
DG  P      P  N N 73  
DG  OP1    O  N N 74  
DG  OP2    O  N N 75  
DG  "O5'"  O  N N 76  
DG  "C5'"  C  N N 77  
DG  "C4'"  C  N R 78  
DG  "O4'"  O  N N 79  
DG  "C3'"  C  N S 80  
DG  "O3'"  O  N N 81  
DG  "C2'"  C  N N 82  
DG  "C1'"  C  N R 83  
DG  N9     N  Y N 84  
DG  C8     C  Y N 85  
DG  N7     N  Y N 86  
DG  C5     C  Y N 87  
DG  C6     C  N N 88  
DG  O6     O  N N 89  
DG  N1     N  N N 90  
DG  C2     C  N N 91  
DG  N2     N  N N 92  
DG  N3     N  N N 93  
DG  C4     C  Y N 94  
DG  HOP3   H  N N 95  
DG  HOP2   H  N N 96  
DG  "H5'"  H  N N 97  
DG  "H5''" H  N N 98  
DG  "H4'"  H  N N 99  
DG  "H3'"  H  N N 100 
DG  "HO3'" H  N N 101 
DG  "H2'"  H  N N 102 
DG  "H2''" H  N N 103 
DG  "H1'"  H  N N 104 
DG  H8     H  N N 105 
DG  H1     H  N N 106 
DG  H21    H  N N 107 
DG  H22    H  N N 108 
DT  OP3    O  N N 109 
DT  P      P  N N 110 
DT  OP1    O  N N 111 
DT  OP2    O  N N 112 
DT  "O5'"  O  N N 113 
DT  "C5'"  C  N N 114 
DT  "C4'"  C  N R 115 
DT  "O4'"  O  N N 116 
DT  "C3'"  C  N S 117 
DT  "O3'"  O  N N 118 
DT  "C2'"  C  N N 119 
DT  "C1'"  C  N R 120 
DT  N1     N  N N 121 
DT  C2     C  N N 122 
DT  O2     O  N N 123 
DT  N3     N  N N 124 
DT  C4     C  N N 125 
DT  O4     O  N N 126 
DT  C5     C  N N 127 
DT  C7     C  N N 128 
DT  C6     C  N N 129 
DT  HOP3   H  N N 130 
DT  HOP2   H  N N 131 
DT  "H5'"  H  N N 132 
DT  "H5''" H  N N 133 
DT  "H4'"  H  N N 134 
DT  "H3'"  H  N N 135 
DT  "HO3'" H  N N 136 
DT  "H2'"  H  N N 137 
DT  "H2''" H  N N 138 
DT  "H1'"  H  N N 139 
DT  H3     H  N N 140 
DT  H71    H  N N 141 
DT  H72    H  N N 142 
DT  H73    H  N N 143 
DT  H6     H  N N 144 
NCO CO     CO N N 145 
NCO N1     N  N N 146 
NCO N2     N  N N 147 
NCO N3     N  N N 148 
NCO N4     N  N N 149 
NCO N5     N  N N 150 
NCO N6     N  N N 151 
NCO HN11   H  N N 152 
NCO HN12   H  N N 153 
NCO HN13   H  N N 154 
NCO HN21   H  N N 155 
NCO HN22   H  N N 156 
NCO HN23   H  N N 157 
NCO HN31   H  N N 158 
NCO HN32   H  N N 159 
NCO HN33   H  N N 160 
NCO HN41   H  N N 161 
NCO HN42   H  N N 162 
NCO HN43   H  N N 163 
NCO HN51   H  N N 164 
NCO HN52   H  N N 165 
NCO HN53   H  N N 166 
NCO HN61   H  N N 167 
NCO HN62   H  N N 168 
NCO HN63   H  N N 169 
OHU P      P  N N 170 
OHU N1     N  N N 171 
OHU C2     C  N N 172 
OHU O2     O  N N 173 
OHU N3     N  N N 174 
OHU C4     C  N N 175 
OHU O4     O  N N 176 
OHU C5     C  N N 177 
OHU O5     O  N N 178 
OHU C6     C  N N 179 
OHU "C1'"  C  N R 180 
OHU "C2'"  C  N N 181 
OHU "C3'"  C  N S 182 
OHU "O3'"  O  N N 183 
OHU "C4'"  C  N R 184 
OHU "O4'"  O  N N 185 
OHU "C5'"  C  N N 186 
OHU "O5'"  O  N N 187 
OHU OP1    O  N N 188 
OHU OP2    O  N N 189 
OHU OP3    O  N N 190 
OHU HN3    H  N N 191 
OHU HO5    H  N N 192 
OHU H6     H  N N 193 
OHU "H1'"  H  N N 194 
OHU "H2'"  H  N N 195 
OHU "H2'A" H  N N 196 
OHU "H3'"  H  N N 197 
OHU "HO3'" H  N N 198 
OHU "H4'"  H  N N 199 
OHU "H5'"  H  N N 200 
OHU "H5'A" H  N N 201 
OHU HOP2   H  N N 202 
OHU HOP3   H  N N 203 
# 
loop_
_chem_comp_bond.comp_id 
_chem_comp_bond.atom_id_1 
_chem_comp_bond.atom_id_2 
_chem_comp_bond.value_order 
_chem_comp_bond.pdbx_aromatic_flag 
_chem_comp_bond.pdbx_stereo_config 
_chem_comp_bond.pdbx_ordinal 
DA  OP3   P      sing N N 1   
DA  OP3   HOP3   sing N N 2   
DA  P     OP1    doub N N 3   
DA  P     OP2    sing N N 4   
DA  P     "O5'"  sing N N 5   
DA  OP2   HOP2   sing N N 6   
DA  "O5'" "C5'"  sing N N 7   
DA  "C5'" "C4'"  sing N N 8   
DA  "C5'" "H5'"  sing N N 9   
DA  "C5'" "H5''" sing N N 10  
DA  "C4'" "O4'"  sing N N 11  
DA  "C4'" "C3'"  sing N N 12  
DA  "C4'" "H4'"  sing N N 13  
DA  "O4'" "C1'"  sing N N 14  
DA  "C3'" "O3'"  sing N N 15  
DA  "C3'" "C2'"  sing N N 16  
DA  "C3'" "H3'"  sing N N 17  
DA  "O3'" "HO3'" sing N N 18  
DA  "C2'" "C1'"  sing N N 19  
DA  "C2'" "H2'"  sing N N 20  
DA  "C2'" "H2''" sing N N 21  
DA  "C1'" N9     sing N N 22  
DA  "C1'" "H1'"  sing N N 23  
DA  N9    C8     sing Y N 24  
DA  N9    C4     sing Y N 25  
DA  C8    N7     doub Y N 26  
DA  C8    H8     sing N N 27  
DA  N7    C5     sing Y N 28  
DA  C5    C6     sing Y N 29  
DA  C5    C4     doub Y N 30  
DA  C6    N6     sing N N 31  
DA  C6    N1     doub Y N 32  
DA  N6    H61    sing N N 33  
DA  N6    H62    sing N N 34  
DA  N1    C2     sing Y N 35  
DA  C2    N3     doub Y N 36  
DA  C2    H2     sing N N 37  
DA  N3    C4     sing Y N 38  
DC  OP3   P      sing N N 39  
DC  OP3   HOP3   sing N N 40  
DC  P     OP1    doub N N 41  
DC  P     OP2    sing N N 42  
DC  P     "O5'"  sing N N 43  
DC  OP2   HOP2   sing N N 44  
DC  "O5'" "C5'"  sing N N 45  
DC  "C5'" "C4'"  sing N N 46  
DC  "C5'" "H5'"  sing N N 47  
DC  "C5'" "H5''" sing N N 48  
DC  "C4'" "O4'"  sing N N 49  
DC  "C4'" "C3'"  sing N N 50  
DC  "C4'" "H4'"  sing N N 51  
DC  "O4'" "C1'"  sing N N 52  
DC  "C3'" "O3'"  sing N N 53  
DC  "C3'" "C2'"  sing N N 54  
DC  "C3'" "H3'"  sing N N 55  
DC  "O3'" "HO3'" sing N N 56  
DC  "C2'" "C1'"  sing N N 57  
DC  "C2'" "H2'"  sing N N 58  
DC  "C2'" "H2''" sing N N 59  
DC  "C1'" N1     sing N N 60  
DC  "C1'" "H1'"  sing N N 61  
DC  N1    C2     sing N N 62  
DC  N1    C6     sing N N 63  
DC  C2    O2     doub N N 64  
DC  C2    N3     sing N N 65  
DC  N3    C4     doub N N 66  
DC  C4    N4     sing N N 67  
DC  C4    C5     sing N N 68  
DC  N4    H41    sing N N 69  
DC  N4    H42    sing N N 70  
DC  C5    C6     doub N N 71  
DC  C5    H5     sing N N 72  
DC  C6    H6     sing N N 73  
DG  OP3   P      sing N N 74  
DG  OP3   HOP3   sing N N 75  
DG  P     OP1    doub N N 76  
DG  P     OP2    sing N N 77  
DG  P     "O5'"  sing N N 78  
DG  OP2   HOP2   sing N N 79  
DG  "O5'" "C5'"  sing N N 80  
DG  "C5'" "C4'"  sing N N 81  
DG  "C5'" "H5'"  sing N N 82  
DG  "C5'" "H5''" sing N N 83  
DG  "C4'" "O4'"  sing N N 84  
DG  "C4'" "C3'"  sing N N 85  
DG  "C4'" "H4'"  sing N N 86  
DG  "O4'" "C1'"  sing N N 87  
DG  "C3'" "O3'"  sing N N 88  
DG  "C3'" "C2'"  sing N N 89  
DG  "C3'" "H3'"  sing N N 90  
DG  "O3'" "HO3'" sing N N 91  
DG  "C2'" "C1'"  sing N N 92  
DG  "C2'" "H2'"  sing N N 93  
DG  "C2'" "H2''" sing N N 94  
DG  "C1'" N9     sing N N 95  
DG  "C1'" "H1'"  sing N N 96  
DG  N9    C8     sing Y N 97  
DG  N9    C4     sing Y N 98  
DG  C8    N7     doub Y N 99  
DG  C8    H8     sing N N 100 
DG  N7    C5     sing Y N 101 
DG  C5    C6     sing N N 102 
DG  C5    C4     doub Y N 103 
DG  C6    O6     doub N N 104 
DG  C6    N1     sing N N 105 
DG  N1    C2     sing N N 106 
DG  N1    H1     sing N N 107 
DG  C2    N2     sing N N 108 
DG  C2    N3     doub N N 109 
DG  N2    H21    sing N N 110 
DG  N2    H22    sing N N 111 
DG  N3    C4     sing N N 112 
DT  OP3   P      sing N N 113 
DT  OP3   HOP3   sing N N 114 
DT  P     OP1    doub N N 115 
DT  P     OP2    sing N N 116 
DT  P     "O5'"  sing N N 117 
DT  OP2   HOP2   sing N N 118 
DT  "O5'" "C5'"  sing N N 119 
DT  "C5'" "C4'"  sing N N 120 
DT  "C5'" "H5'"  sing N N 121 
DT  "C5'" "H5''" sing N N 122 
DT  "C4'" "O4'"  sing N N 123 
DT  "C4'" "C3'"  sing N N 124 
DT  "C4'" "H4'"  sing N N 125 
DT  "O4'" "C1'"  sing N N 126 
DT  "C3'" "O3'"  sing N N 127 
DT  "C3'" "C2'"  sing N N 128 
DT  "C3'" "H3'"  sing N N 129 
DT  "O3'" "HO3'" sing N N 130 
DT  "C2'" "C1'"  sing N N 131 
DT  "C2'" "H2'"  sing N N 132 
DT  "C2'" "H2''" sing N N 133 
DT  "C1'" N1     sing N N 134 
DT  "C1'" "H1'"  sing N N 135 
DT  N1    C2     sing N N 136 
DT  N1    C6     sing N N 137 
DT  C2    O2     doub N N 138 
DT  C2    N3     sing N N 139 
DT  N3    C4     sing N N 140 
DT  N3    H3     sing N N 141 
DT  C4    O4     doub N N 142 
DT  C4    C5     sing N N 143 
DT  C5    C7     sing N N 144 
DT  C5    C6     doub N N 145 
DT  C7    H71    sing N N 146 
DT  C7    H72    sing N N 147 
DT  C7    H73    sing N N 148 
DT  C6    H6     sing N N 149 
NCO CO    N1     sing N N 150 
NCO CO    N2     sing N N 151 
NCO CO    N3     sing N N 152 
NCO CO    N4     sing N N 153 
NCO CO    N5     sing N N 154 
NCO CO    N6     sing N N 155 
NCO N1    HN11   sing N N 156 
NCO N1    HN12   sing N N 157 
NCO N1    HN13   sing N N 158 
NCO N2    HN21   sing N N 159 
NCO N2    HN22   sing N N 160 
NCO N2    HN23   sing N N 161 
NCO N3    HN31   sing N N 162 
NCO N3    HN32   sing N N 163 
NCO N3    HN33   sing N N 164 
NCO N4    HN41   sing N N 165 
NCO N4    HN42   sing N N 166 
NCO N4    HN43   sing N N 167 
NCO N5    HN51   sing N N 168 
NCO N5    HN52   sing N N 169 
NCO N5    HN53   sing N N 170 
NCO N6    HN61   sing N N 171 
NCO N6    HN62   sing N N 172 
NCO N6    HN63   sing N N 173 
OHU P     "O5'"  sing N N 174 
OHU P     OP1    doub N N 175 
OHU P     OP2    sing N N 176 
OHU P     OP3    sing N N 177 
OHU N1    C2     sing N N 178 
OHU N1    C6     sing N N 179 
OHU N1    "C1'"  sing N N 180 
OHU C2    O2     doub N N 181 
OHU C2    N3     sing N N 182 
OHU N3    C4     sing N N 183 
OHU C4    O4     doub N N 184 
OHU C4    C5     sing N N 185 
OHU C5    O5     sing N N 186 
OHU C5    C6     doub N N 187 
OHU "C1'" "C2'"  sing N N 188 
OHU "C1'" "O4'"  sing N N 189 
OHU "C2'" "C3'"  sing N N 190 
OHU "C3'" "O3'"  sing N N 191 
OHU "C3'" "C4'"  sing N N 192 
OHU "C4'" "O4'"  sing N N 193 
OHU "C4'" "C5'"  sing N N 194 
OHU "C5'" "O5'"  sing N N 195 
OHU N3    HN3    sing N N 196 
OHU O5    HO5    sing N N 197 
OHU C6    H6     sing N N 198 
OHU "C1'" "H1'"  sing N N 199 
OHU "C2'" "H2'"  sing N N 200 
OHU "C2'" "H2'A" sing N N 201 
OHU "C3'" "H3'"  sing N N 202 
OHU "O3'" "HO3'" sing N N 203 
OHU "C4'" "H4'"  sing N N 204 
OHU "C5'" "H5'"  sing N N 205 
OHU "C5'" "H5'A" sing N N 206 
OHU OP2   HOP2   sing N N 207 
OHU OP3   HOP3   sing N N 208 
# 
loop_
_ndb_struct_conf_na.entry_id 
_ndb_struct_conf_na.feature 
7YGP 'double helix'         
7YGP 'a-form double helix'  
7YGP 'mismatched base pair' 
# 
loop_
_ndb_struct_na_base_pair.model_number 
_ndb_struct_na_base_pair.i_label_asym_id 
_ndb_struct_na_base_pair.i_label_comp_id 
_ndb_struct_na_base_pair.i_label_seq_id 
_ndb_struct_na_base_pair.i_symmetry 
_ndb_struct_na_base_pair.j_label_asym_id 
_ndb_struct_na_base_pair.j_label_comp_id 
_ndb_struct_na_base_pair.j_label_seq_id 
_ndb_struct_na_base_pair.j_symmetry 
_ndb_struct_na_base_pair.shear 
_ndb_struct_na_base_pair.stretch 
_ndb_struct_na_base_pair.stagger 
_ndb_struct_na_base_pair.buckle 
_ndb_struct_na_base_pair.propeller 
_ndb_struct_na_base_pair.opening 
_ndb_struct_na_base_pair.pair_number 
_ndb_struct_na_base_pair.pair_name 
_ndb_struct_na_base_pair.i_auth_asym_id 
_ndb_struct_na_base_pair.i_auth_seq_id 
_ndb_struct_na_base_pair.i_PDB_ins_code 
_ndb_struct_na_base_pair.j_auth_asym_id 
_ndb_struct_na_base_pair.j_auth_seq_id 
_ndb_struct_na_base_pair.j_PDB_ins_code 
_ndb_struct_na_base_pair.hbond_type_28 
_ndb_struct_na_base_pair.hbond_type_12 
1 A DG  1  1_555 A DC  12 6_765 -0.179 -0.268 0.373  -1.409  -8.084  0.065  1  A_DG1:DC12_A A 1  ? A 12 ? 19 1 
1 A DG  2  1_555 A DC  11 6_765 -0.257 -0.186 -0.218 -12.438 -12.325 2.422  2  A_DG2:DC11_A A 2  ? A 11 ? 19 1 
1 A DA  3  1_555 A DT  10 6_765 0.221  -0.243 -0.267 -8.241  -7.672  -3.740 3  A_DA3:DT10_A A 3  ? A 10 ? 20 1 
1 A DC  4  1_555 A DG  9  6_765 0.281  -0.129 0.019  5.974   -10.854 3.092  4  A_DC4:DG9_A  A 4  ? A 9  ? 19 1 
1 A DC  5  1_555 A DG  8  6_765 0.327  -0.253 -0.154 9.413   -3.358  2.301  5  A_DC5:DG8_A  A 5  ? A 8  ? 19 1 
1 A DT  6  1_555 A OHU 7  6_765 1.552  -2.254 -0.269 -0.055  -23.664 3.303  6  A_DT6:OHU7_A A 6  ? A 7  ? 16 1 
1 A OHU 7  1_555 A DT  6  6_765 -1.552 -2.254 -0.269 0.055   -23.664 3.303  7  A_OHU7:DT6_A A 7  ? A 6  ? 16 1 
1 A DG  8  1_555 A DC  5  6_765 -0.327 -0.253 -0.154 -9.413  -3.358  2.301  8  A_DG8:DC5_A  A 8  ? A 5  ? 19 1 
1 A DG  9  1_555 A DC  4  6_765 -0.281 -0.129 0.019  -5.974  -10.854 3.092  9  A_DG9:DC4_A  A 9  ? A 4  ? 19 1 
1 A DT  10 1_555 A DA  3  6_765 -0.221 -0.243 -0.267 8.241   -7.672  -3.740 10 A_DT10:DA3_A A 10 ? A 3  ? 20 1 
1 A DC  11 1_555 A DG  2  6_765 0.257  -0.186 -0.218 12.438  -12.325 2.422  11 A_DC11:DG2_A A 11 ? A 2  ? 19 1 
1 A DC  12 1_555 A DG  1  6_765 0.179  -0.268 0.373  1.409   -8.084  0.065  12 A_DC12:DG1_A A 12 ? A 1  ? 19 1 
# 
loop_
_ndb_struct_na_base_pair_step.model_number 
_ndb_struct_na_base_pair_step.i_label_asym_id_1 
_ndb_struct_na_base_pair_step.i_label_comp_id_1 
_ndb_struct_na_base_pair_step.i_label_seq_id_1 
_ndb_struct_na_base_pair_step.i_symmetry_1 
_ndb_struct_na_base_pair_step.j_label_asym_id_1 
_ndb_struct_na_base_pair_step.j_label_comp_id_1 
_ndb_struct_na_base_pair_step.j_label_seq_id_1 
_ndb_struct_na_base_pair_step.j_symmetry_1 
_ndb_struct_na_base_pair_step.i_label_asym_id_2 
_ndb_struct_na_base_pair_step.i_label_comp_id_2 
_ndb_struct_na_base_pair_step.i_label_seq_id_2 
_ndb_struct_na_base_pair_step.i_symmetry_2 
_ndb_struct_na_base_pair_step.j_label_asym_id_2 
_ndb_struct_na_base_pair_step.j_label_comp_id_2 
_ndb_struct_na_base_pair_step.j_label_seq_id_2 
_ndb_struct_na_base_pair_step.j_symmetry_2 
_ndb_struct_na_base_pair_step.shift 
_ndb_struct_na_base_pair_step.slide 
_ndb_struct_na_base_pair_step.rise 
_ndb_struct_na_base_pair_step.tilt 
_ndb_struct_na_base_pair_step.roll 
_ndb_struct_na_base_pair_step.twist 
_ndb_struct_na_base_pair_step.x_displacement 
_ndb_struct_na_base_pair_step.y_displacement 
_ndb_struct_na_base_pair_step.helical_rise 
_ndb_struct_na_base_pair_step.inclination 
_ndb_struct_na_base_pair_step.tip 
_ndb_struct_na_base_pair_step.helical_twist 
_ndb_struct_na_base_pair_step.step_number 
_ndb_struct_na_base_pair_step.step_name 
_ndb_struct_na_base_pair_step.i_auth_asym_id_1 
_ndb_struct_na_base_pair_step.i_auth_seq_id_1 
_ndb_struct_na_base_pair_step.i_PDB_ins_code_1 
_ndb_struct_na_base_pair_step.j_auth_asym_id_1 
_ndb_struct_na_base_pair_step.j_auth_seq_id_1 
_ndb_struct_na_base_pair_step.j_PDB_ins_code_1 
_ndb_struct_na_base_pair_step.i_auth_asym_id_2 
_ndb_struct_na_base_pair_step.i_auth_seq_id_2 
_ndb_struct_na_base_pair_step.i_PDB_ins_code_2 
_ndb_struct_na_base_pair_step.j_auth_asym_id_2 
_ndb_struct_na_base_pair_step.j_auth_seq_id_2 
_ndb_struct_na_base_pair_step.j_PDB_ins_code_2 
1 A DG  1  1_555 A DC  12 6_765 A DG  2  1_555 A DC  11 6_765 0.063  -1.148 3.469 5.164  4.975  37.845 -2.383 0.572  3.277 7.587  
-7.875 38.494 1  AA_DG1DG2:DC11DC12_AA A 1  ? A 12 ? A 2  ? A 11 ? 
1 A DG  2  1_555 A DC  11 6_765 A DA  3  1_555 A DT  10 6_765 -0.304 -0.747 3.210 1.146  4.035  35.310 -1.792 0.659  3.098 6.624  
-1.881 35.551 2  AA_DG2DA3:DT10DC11_AA A 2  ? A 11 ? A 3  ? A 10 ? 
1 A DA  3  1_555 A DT  10 6_765 A DC  4  1_555 A DG  9  6_765 0.831  -1.179 2.967 -2.376 12.535 31.151 -3.748 -1.762 2.270 22.210 
4.210  33.603 3  AA_DA3DC4:DG9DT10_AA  A 3  ? A 10 ? A 4  ? A 9  ? 
1 A DC  4  1_555 A DG  9  6_765 A DC  5  1_555 A DG  8  6_765 -0.550 -1.866 3.140 -2.511 7.511  26.096 -5.633 0.609  2.553 16.167 
5.404  27.251 4  AA_DC4DC5:DG8DG9_AA   A 4  ? A 9  ? A 5  ? A 8  ? 
1 A DC  5  1_555 A DG  8  6_765 A DT  6  1_555 A OHU 7  6_765 0.285  -0.855 3.459 6.458  12.855 41.348 -2.419 0.255  3.083 17.578 
-8.831 43.676 5  AA_DC5DT6:OHU7DG8_AA  A 5  ? A 8  ? A 6  ? A 7  ? 
1 A DT  6  1_555 A OHU 7  6_765 A OHU 7  1_555 A DT  6  6_765 0.000  -2.157 3.064 0.000  15.926 17.197 -9.025 0.000  0.802 43.094 
0.000  23.398 6  AA_DT6OHU7:DT6OHU7_AA A 6  ? A 7  ? A 7  ? A 6  ? 
1 A OHU 7  1_555 A DT  6  6_765 A DG  8  1_555 A DC  5  6_765 -0.285 -0.855 3.459 -6.458 12.855 41.348 -2.419 -0.255 3.083 17.578 
8.831  43.676 7  AA_OHU7DG8:DC5DT6_AA  A 7  ? A 6  ? A 8  ? A 5  ? 
1 A DG  8  1_555 A DC  5  6_765 A DG  9  1_555 A DC  4  6_765 0.550  -1.866 3.140 2.511  7.511  26.096 -5.633 -0.609 2.553 16.167 
-5.404 27.251 8  AA_DG8DG9:DC4DC5_AA   A 8  ? A 5  ? A 9  ? A 4  ? 
1 A DG  9  1_555 A DC  4  6_765 A DT  10 1_555 A DA  3  6_765 -0.831 -1.179 2.967 2.376  12.535 31.151 -3.748 1.762  2.270 22.210 
-4.210 33.603 9  AA_DG9DT10:DA3DC4_AA  A 9  ? A 4  ? A 10 ? A 3  ? 
1 A DT  10 1_555 A DA  3  6_765 A DC  11 1_555 A DG  2  6_765 0.304  -0.747 3.210 -1.146 4.035  35.310 -1.792 -0.659 3.098 6.624  
1.881  35.551 10 AA_DT10DC11:DG2DA3_AA A 10 ? A 3  ? A 11 ? A 2  ? 
1 A DC  11 1_555 A DG  2  6_765 A DC  12 1_555 A DG  1  6_765 -0.063 -1.148 3.469 -5.164 4.975  37.845 -2.383 -0.572 3.277 7.587  
7.875  38.494 11 AA_DC11DC12:DG1DG2_AA A 11 ? A 2  ? A 12 ? A 1  ? 
# 
_pdbx_audit_support.funding_organization   'Japan Society for the Promotion of Science (JSPS)' 
_pdbx_audit_support.country                Japan 
_pdbx_audit_support.grant_number           18K19308 
_pdbx_audit_support.ordinal                1 
# 
_pdbx_entity_instance_feature.ordinal        1 
_pdbx_entity_instance_feature.comp_id        OHU 
_pdbx_entity_instance_feature.asym_id        ? 
_pdbx_entity_instance_feature.seq_num        ? 
_pdbx_entity_instance_feature.auth_comp_id   OHU 
_pdbx_entity_instance_feature.auth_asym_id   ? 
_pdbx_entity_instance_feature.auth_seq_num   ? 
_pdbx_entity_instance_feature.feature_type   'SUBJECT OF INVESTIGATION' 
_pdbx_entity_instance_feature.details        ? 
# 
_atom_sites.entry_id                    7YGP 
_atom_sites.Cartn_transf_matrix[1][1]   ? 
_atom_sites.Cartn_transf_matrix[1][2]   ? 
_atom_sites.Cartn_transf_matrix[1][3]   ? 
_atom_sites.Cartn_transf_matrix[2][1]   ? 
_atom_sites.Cartn_transf_matrix[2][2]   ? 
_atom_sites.Cartn_transf_matrix[2][3]   ? 
_atom_sites.Cartn_transf_matrix[3][1]   ? 
_atom_sites.Cartn_transf_matrix[3][2]   ? 
_atom_sites.Cartn_transf_matrix[3][3]   ? 
_atom_sites.Cartn_transf_vector[1]      ? 
_atom_sites.Cartn_transf_vector[2]      ? 
_atom_sites.Cartn_transf_vector[3]      ? 
_atom_sites.fract_transf_matrix[1][1]   0.01317567 
_atom_sites.fract_transf_matrix[1][2]   0.02672437 
_atom_sites.fract_transf_matrix[1][3]   0.01018243 
_atom_sites.fract_transf_matrix[2][1]   -0.01212987 
_atom_sites.fract_transf_matrix[2][2]   0.01506263 
_atom_sites.fract_transf_matrix[2][3]   0.02484783 
_atom_sites.fract_transf_matrix[3][1]   0.01081563 
_atom_sites.fract_transf_matrix[3][2]   -0.00954974 
_atom_sites.fract_transf_matrix[3][3]   0.01106882 
_atom_sites.fract_transf_vector[1]      0.983344 
_atom_sites.fract_transf_vector[2]      0.514434 
_atom_sites.fract_transf_vector[3]      0.204187 
_atom_sites.solution_primary            ? 
_atom_sites.solution_secondary          ? 
_atom_sites.solution_hydrogens          ? 
_atom_sites.special_details             ? 
# 
loop_
_atom_type.symbol 
C  
CO 
N  
O  
P  
# 
loop_
_atom_site.group_PDB 
_atom_site.id 
_atom_site.type_symbol 
_atom_site.label_atom_id 
_atom_site.label_alt_id 
_atom_site.label_comp_id 
_atom_site.label_asym_id 
_atom_site.label_entity_id 
_atom_site.label_seq_id 
_atom_site.pdbx_PDB_ins_code 
_atom_site.Cartn_x 
_atom_site.Cartn_y 
_atom_site.Cartn_z 
_atom_site.occupancy 
_atom_site.B_iso_or_equiv 
_atom_site.pdbx_formal_charge 
_atom_site.auth_seq_id 
_atom_site.auth_comp_id 
_atom_site.auth_asym_id 
_atom_site.auth_atom_id 
_atom_site.pdbx_PDB_model_num 
ATOM   1   O  "O5'" . DG  A 1 1  ? -2.170  15.439  0.769  1.00 60.95  ? 1   DG  A "O5'" 1 
ATOM   2   C  "C5'" . DG  A 1 1  ? -2.485  15.396  2.151  1.00 59.74  ? 1   DG  A "C5'" 1 
ATOM   3   C  "C4'" . DG  A 1 1  ? -3.989  15.394  2.360  1.00 59.32  ? 1   DG  A "C4'" 1 
ATOM   4   O  "O4'" . DG  A 1 1  ? -4.620  16.210  1.345  1.00 63.01  ? 1   DG  A "O4'" 1 
ATOM   5   C  "C3'" . DG  A 1 1  ? -4.659  14.046  2.206  1.00 63.50  ? 1   DG  A "C3'" 1 
ATOM   6   O  "O3'" . DG  A 1 1  ? -4.558  13.303  3.404  1.00 62.70  ? 1   DG  A "O3'" 1 
ATOM   7   C  "C2'" . DG  A 1 1  ? -6.099  14.450  1.916  1.00 60.39  ? 1   DG  A "C2'" 1 
ATOM   8   C  "C1'" . DG  A 1 1  ? -5.897  15.673  1.031  1.00 56.91  ? 1   DG  A "C1'" 1 
ATOM   9   N  N9    . DG  A 1 1  ? -5.937  15.388  -0.397 1.00 51.59  ? 1   DG  A N9    1 
ATOM   10  C  C8    . DG  A 1 1  ? -4.921  15.560  -1.302 1.00 50.49  ? 1   DG  A C8    1 
ATOM   11  N  N7    . DG  A 1 1  ? -5.257  15.245  -2.521 1.00 54.82  ? 1   DG  A N7    1 
ATOM   12  C  C5    . DG  A 1 1  ? -6.576  14.843  -2.414 1.00 52.98  ? 1   DG  A C5    1 
ATOM   13  C  C6    . DG  A 1 1  ? -7.473  14.388  -3.410 1.00 57.46  ? 1   DG  A C6    1 
ATOM   14  O  O6    . DG  A 1 1  ? -7.267  14.251  -4.626 1.00 53.81  ? 1   DG  A O6    1 
ATOM   15  N  N1    . DG  A 1 1  ? -8.724  14.085  -2.874 1.00 53.83  ? 1   DG  A N1    1 
ATOM   16  C  C2    . DG  A 1 1  ? -9.057  14.216  -1.543 1.00 54.35  ? 1   DG  A C2    1 
ATOM   17  N  N2    . DG  A 1 1  ? -10.310 13.879  -1.204 1.00 57.14  ? 1   DG  A N2    1 
ATOM   18  N  N3    . DG  A 1 1  ? -8.224  14.638  -0.611 1.00 52.29  ? 1   DG  A N3    1 
ATOM   19  C  C4    . DG  A 1 1  ? -7.011  14.933  -1.114 1.00 50.94  ? 1   DG  A C4    1 
ATOM   20  P  P     . DG  A 1 2  ? -4.292  11.724  3.317  1.00 67.36  ? 2   DG  A P     1 
ATOM   21  O  OP1   . DG  A 1 2  ? -3.855  11.228  4.649  1.00 69.89  ? 2   DG  A OP1   1 
ATOM   22  O  OP2   . DG  A 1 2  ? -3.422  11.591  2.125  1.00 57.31  ? 2   DG  A OP2   1 
ATOM   23  O  "O5'" . DG  A 1 2  ? -5.731  11.105  3.033  1.00 62.04  ? 2   DG  A "O5'" 1 
ATOM   24  C  "C5'" . DG  A 1 2  ? -6.758  11.303  3.980  1.00 63.59  ? 2   DG  A "C5'" 1 
ATOM   25  C  "C4'" . DG  A 1 2  ? -8.108  10.964  3.389  1.00 60.62  ? 2   DG  A "C4'" 1 
ATOM   26  O  "O4'" . DG  A 1 2  ? -8.408  11.872  2.305  1.00 62.17  ? 2   DG  A "O4'" 1 
ATOM   27  C  "C3'" . DG  A 1 2  ? -8.195  9.590   2.769  1.00 62.28  ? 2   DG  A "C3'" 1 
ATOM   28  O  "O3'" . DG  A 1 2  ? -8.498  8.636   3.762  1.00 66.45  ? 2   DG  A "O3'" 1 
ATOM   29  C  "C2'" . DG  A 1 2  ? -9.341  9.759   1.774  1.00 61.81  ? 2   DG  A "C2'" 1 
ATOM   30  C  "C1'" . DG  A 1 2  ? -9.083  11.172  1.263  1.00 61.93  ? 2   DG  A "C1'" 1 
ATOM   31  N  N9    . DG  A 1 2  ? -8.260  11.242  0.046  1.00 57.76  ? 2   DG  A N9    1 
ATOM   32  C  C8    . DG  A 1 2  ? -6.939  11.611  -0.035 1.00 56.72  ? 2   DG  A C8    1 
ATOM   33  N  N7    . DG  A 1 2  ? -6.464  11.597  -1.251 1.00 56.67  ? 2   DG  A N7    1 
ATOM   34  C  C5    . DG  A 1 2  ? -7.541  11.200  -2.030 1.00 55.70  ? 2   DG  A C5    1 
ATOM   35  C  C6    . DG  A 1 2  ? -7.628  11.016  -3.433 1.00 54.14  ? 2   DG  A C6    1 
ATOM   36  O  O6    . DG  A 1 2  ? -6.738  11.169  -4.288 1.00 56.75  ? 2   DG  A O6    1 
ATOM   37  N  N1    . DG  A 1 2  ? -8.902  10.606  -3.817 1.00 54.56  ? 2   DG  A N1    1 
ATOM   38  C  C2    . DG  A 1 2  ? -9.959  10.405  -2.949 1.00 58.02  ? 2   DG  A C2    1 
ATOM   39  N  N2    . DG  A 1 2  ? -11.112 10.014  -3.499 1.00 60.60  ? 2   DG  A N2    1 
ATOM   40  N  N3    . DG  A 1 2  ? -9.887  10.576  -1.632 1.00 60.25  ? 2   DG  A N3    1 
ATOM   41  C  C4    . DG  A 1 2  ? -8.654  10.974  -1.245 1.00 54.91  ? 2   DG  A C4    1 
ATOM   42  P  P     . DA  A 1 3  ? -7.897  7.161   3.618  1.00 68.97  ? 3   DA  A P     1 
ATOM   43  O  OP1   . DA  A 1 3  ? -8.013  6.426   4.903  1.00 65.14  ? 3   DA  A OP1   1 
ATOM   44  O  OP2   . DA  A 1 3  ? -6.572  7.383   3.005  1.00 60.06  ? 3   DA  A OP2   1 
ATOM   45  O  "O5'" . DA  A 1 3  ? -8.838  6.483   2.514  1.00 62.92  ? 3   DA  A "O5'" 1 
ATOM   46  C  "C5'" . DA  A 1 3  ? -10.237 6.421   2.713  1.00 63.79  ? 3   DA  A "C5'" 1 
ATOM   47  C  "C4'" . DA  A 1 3  ? -10.941 6.032   1.428  1.00 63.30  ? 3   DA  A "C4'" 1 
ATOM   48  O  "O4'" . DA  A 1 3  ? -10.832 7.107   0.472  1.00 66.03  ? 3   DA  A "O4'" 1 
ATOM   49  C  "C3'" . DA  A 1 3  ? -10.337 4.849   0.698  1.00 64.34  ? 3   DA  A "C3'" 1 
ATOM   50  O  "O3'" . DA  A 1 3  ? -10.793 3.643   1.249  1.00 66.08  ? 3   DA  A "O3'" 1 
ATOM   51  C  "C2'" . DA  A 1 3  ? -10.875 5.056   -0.707 1.00 58.52  ? 3   DA  A "C2'" 1 
ATOM   52  C  "C1'" . DA  A 1 3  ? -10.733 6.563   -0.843 1.00 60.30  ? 3   DA  A "C1'" 1 
ATOM   53  N  N9    . DA  A 1 3  ? -9.460  6.976   -1.421 1.00 57.99  ? 3   DA  A N9    1 
ATOM   54  C  C8    . DA  A 1 3  ? -8.327  7.359   -0.754 1.00 55.13  ? 3   DA  A C8    1 
ATOM   55  N  N7    . DA  A 1 3  ? -7.331  7.690   -1.552 1.00 53.13  ? 3   DA  A N7    1 
ATOM   56  C  C5    . DA  A 1 3  ? -7.855  7.515   -2.824 1.00 54.76  ? 3   DA  A C5    1 
ATOM   57  C  C6    . DA  A 1 3  ? -7.316  7.699   -4.112 1.00 55.01  ? 3   DA  A C6    1 
ATOM   58  N  N6    . DA  A 1 3  ? -6.071  8.130   -4.341 1.00 52.90  ? 3   DA  A N6    1 
ATOM   59  N  N1    . DA  A 1 3  ? -8.111  7.427   -5.164 1.00 54.58  ? 3   DA  A N1    1 
ATOM   60  C  C2    . DA  A 1 3  ? -9.355  7.006   -4.940 1.00 55.22  ? 3   DA  A C2    1 
ATOM   61  N  N3    . DA  A 1 3  ? -9.974  6.800   -3.787 1.00 55.13  ? 3   DA  A N3    1 
ATOM   62  C  C4    . DA  A 1 3  ? -9.163  7.075   -2.758 1.00 57.79  ? 3   DA  A C4    1 
ATOM   63  P  P     . DC  A 1 4  ? -9.806  2.384   1.273  1.00 71.42  ? 4   DC  A P     1 
ATOM   64  O  OP1   . DC  A 1 4  ? -10.448 1.350   2.116  1.00 80.55  ? 4   DC  A OP1   1 
ATOM   65  O  OP2   . DC  A 1 4  ? -8.451  2.892   1.614  1.00 62.20  ? 4   DC  A OP2   1 
ATOM   66  O  "O5'" . DC  A 1 4  ? -9.742  1.920   -0.260 1.00 65.78  ? 4   DC  A "O5'" 1 
ATOM   67  C  "C5'" . DC  A 1 4  ? -10.883 1.383   -0.896 1.00 62.39  ? 4   DC  A "C5'" 1 
ATOM   68  C  "C4'" . DC  A 1 4  ? -10.687 1.342   -2.401 1.00 56.57  ? 4   DC  A "C4'" 1 
ATOM   69  O  "O4'" . DC  A 1 4  ? -10.414 2.673   -2.886 1.00 58.95  ? 4   DC  A "O4'" 1 
ATOM   70  C  "C3'" . DC  A 1 4  ? -9.494  0.547   -2.886 1.00 62.29  ? 4   DC  A "C3'" 1 
ATOM   71  O  "O3'" . DC  A 1 4  ? -9.782  -0.826  -2.911 1.00 65.31  ? 4   DC  A "O3'" 1 
ATOM   72  C  "C2'" . DC  A 1 4  ? -9.332  1.109   -4.286 1.00 63.67  ? 4   DC  A "C2'" 1 
ATOM   73  C  "C1'" . DC  A 1 4  ? -9.584  2.593   -4.031 1.00 56.51  ? 4   DC  A "C1'" 1 
ATOM   74  N  N1    . DC  A 1 4  ? -8.321  3.364   -3.777 1.00 58.98  ? 4   DC  A N1    1 
ATOM   75  C  C2    . DC  A 1 4  ? -7.582  3.823   -4.863 1.00 56.45  ? 4   DC  A C2    1 
ATOM   76  O  O2    . DC  A 1 4  ? -7.997  3.596   -6.008 1.00 60.08  ? 4   DC  A O2    1 
ATOM   77  N  N3    . DC  A 1 4  ? -6.449  4.523   -4.641 1.00 51.89  ? 4   DC  A N3    1 
ATOM   78  C  C4    . DC  A 1 4  ? -6.037  4.745   -3.391 1.00 56.43  ? 4   DC  A C4    1 
ATOM   79  N  N4    . DC  A 1 4  ? -4.901  5.429   -3.223 1.00 51.59  ? 4   DC  A N4    1 
ATOM   80  C  C5    . DC  A 1 4  ? -6.772  4.281   -2.264 1.00 54.07  ? 4   DC  A C5    1 
ATOM   81  C  C6    . DC  A 1 4  ? -7.899  3.602   -2.502 1.00 57.48  ? 4   DC  A C6    1 
ATOM   82  P  P     . DC  A 1 5  ? -8.588  -1.879  -2.756 1.00 70.47  ? 5   DC  A P     1 
ATOM   83  O  OP1   . DC  A 1 5  ? -9.200  -3.204  -2.507 1.00 74.09  ? 5   DC  A OP1   1 
ATOM   84  O  OP2   . DC  A 1 5  ? -7.611  -1.312  -1.794 1.00 65.14  ? 5   DC  A OP2   1 
ATOM   85  O  "O5'" . DC  A 1 5  ? -7.864  -1.862  -4.183 1.00 69.61  ? 5   DC  A "O5'" 1 
ATOM   86  C  "C5'" . DC  A 1 5  ? -8.579  -2.232  -5.349 1.00 61.94  ? 5   DC  A "C5'" 1 
ATOM   87  C  "C4'" . DC  A 1 5  ? -7.775  -1.913  -6.597 1.00 54.32  ? 5   DC  A "C4'" 1 
ATOM   88  O  "O4'" . DC  A 1 5  ? -7.632  -0.479  -6.720 1.00 59.95  ? 5   DC  A "O4'" 1 
ATOM   89  C  "C3'" . DC  A 1 5  ? -6.335  -2.407  -6.628 1.00 57.34  ? 5   DC  A "C3'" 1 
ATOM   90  O  "O3'" . DC  A 1 5  ? -6.249  -3.782  -6.979 1.00 64.02  ? 5   DC  A "O3'" 1 
ATOM   91  C  "C2'" . DC  A 1 5  ? -5.767  -1.537  -7.739 1.00 57.21  ? 5   DC  A "C2'" 1 
ATOM   92  C  "C1'" . DC  A 1 5  ? -6.434  -0.194  -7.442 1.00 57.06  ? 5   DC  A "C1'" 1 
ATOM   93  N  N1    . DC  A 1 5  ? -5.572  0.705   -6.626 1.00 55.26  ? 5   DC  A N1    1 
ATOM   94  C  C2    . DC  A 1 5  ? -4.536  1.394   -7.246 1.00 53.57  ? 5   DC  A C2    1 
ATOM   95  O  O2    . DC  A 1 5  ? -4.368  1.251   -8.461 1.00 54.20  ? 5   DC  A O2    1 
ATOM   96  N  N3    . DC  A 1 5  ? -3.746  2.205   -6.497 1.00 55.15  ? 5   DC  A N3    1 
ATOM   97  C  C4    . DC  A 1 5  ? -3.964  2.319   -5.181 1.00 51.00  ? 5   DC  A C4    1 
ATOM   98  N  N4    . DC  A 1 5  ? -3.172  3.129   -4.488 1.00 48.58  ? 5   DC  A N4    1 
ATOM   99  C  C5    . DC  A 1 5  ? -5.010  1.612   -4.529 1.00 53.15  ? 5   DC  A C5    1 
ATOM   100 C  C6    . DC  A 1 5  ? -5.785  0.822   -5.280 1.00 55.45  ? 5   DC  A C6    1 
ATOM   101 P  P     . DT  A 1 6  ? -4.984  -4.648  -6.487 1.00 60.06  ? 6   DT  A P     1 
ATOM   102 O  OP1   . DT  A 1 6  ? -5.156  -6.029  -6.987 1.00 61.02  ? 6   DT  A OP1   1 
ATOM   103 O  OP2   . DT  A 1 6  ? -4.853  -4.369  -5.048 1.00 52.15  ? 6   DT  A OP2   1 
ATOM   104 O  "O5'" . DT  A 1 6  ? -3.712  -3.978  -7.220 1.00 61.47  ? 6   DT  A "O5'" 1 
ATOM   105 C  "C5'" . DT  A 1 6  ? -3.461  -4.236  -8.604 1.00 56.32  ? 6   DT  A "C5'" 1 
ATOM   106 C  "C4'" . DT  A 1 6  ? -2.299  -3.401  -9.135 1.00 56.89  ? 6   DT  A "C4'" 1 
ATOM   107 O  "O4'" . DT  A 1 6  ? -2.558  -1.996  -8.877 1.00 53.67  ? 6   DT  A "O4'" 1 
ATOM   108 C  "C3'" . DT  A 1 6  ? -0.934  -3.636  -8.492 1.00 51.03  ? 6   DT  A "C3'" 1 
ATOM   109 O  "O3'" . DT  A 1 6  ? -0.267  -4.785  -9.033 1.00 56.48  ? 6   DT  A "O3'" 1 
ATOM   110 C  "C2'" . DT  A 1 6  ? -0.218  -2.352  -8.889 1.00 58.66  ? 6   DT  A "C2'" 1 
ATOM   111 C  "C1'" . DT  A 1 6  ? -1.320  -1.317  -8.665 1.00 59.11  ? 6   DT  A "C1'" 1 
ATOM   112 N  N1    . DT  A 1 6  ? -1.291  -0.731  -7.268 1.00 54.75  ? 6   DT  A N1    1 
ATOM   113 C  C2    . DT  A 1 6  ? -0.400  0.283   -6.975 1.00 53.02  ? 6   DT  A C2    1 
ATOM   114 O  O2    . DT  A 1 6  ? 0.369   0.752   -7.795 1.00 56.92  ? 6   DT  A O2    1 
ATOM   115 N  N3    . DT  A 1 6  ? -0.443  0.728   -5.678 1.00 56.02  ? 6   DT  A N3    1 
ATOM   116 C  C4    . DT  A 1 6  ? -1.268  0.259   -4.668 1.00 55.37  ? 6   DT  A C4    1 
ATOM   117 O  O4    . DT  A 1 6  ? -1.244  0.716   -3.534 1.00 59.36  ? 6   DT  A O4    1 
ATOM   118 C  C5    . DT  A 1 6  ? -2.162  -0.806  -5.041 1.00 55.62  ? 6   DT  A C5    1 
ATOM   119 C  C7    . DT  A 1 6  ? -3.104  -1.384  -4.030 1.00 59.69  ? 6   DT  A C7    1 
ATOM   120 C  C6    . DT  A 1 6  ? -2.128  -1.246  -6.304 1.00 54.23  ? 6   DT  A C6    1 
HETATM 121 P  P     . OHU A 1 7  ? 0.687   -5.682  -8.075 1.00 62.03  ? 7   OHU A P     1 
HETATM 122 N  N1    . OHU A 1 7  ? 3.619   -1.310  -6.235 1.00 55.73  ? 7   OHU A N1    1 
HETATM 123 C  C2    . OHU A 1 7  ? 4.241   -0.267  -5.580 1.00 59.37  ? 7   OHU A C2    1 
HETATM 124 O  O2    . OHU A 1 7  ? 5.244   0.244   -6.051 1.00 64.11  ? 7   OHU A O2    1 
HETATM 125 N  N3    . OHU A 1 7  ? 3.674   0.180   -4.399 1.00 47.66  ? 7   OHU A N3    1 
HETATM 126 C  C4    . OHU A 1 7  ? 2.572   -0.330  -3.787 1.00 48.88  ? 7   OHU A C4    1 
HETATM 127 O  O4    . OHU A 1 7  ? 2.103   0.096   -2.737 1.00 48.01  ? 7   OHU A O4    1 
HETATM 128 C  C5    . OHU A 1 7  ? 1.956   -1.425  -4.501 1.00 60.31  ? 7   OHU A C5    1 
HETATM 129 O  O5    . OHU A 1 7  ? 0.829   -1.976  -3.920 1.00 63.95  ? 7   OHU A O5    1 
HETATM 130 C  C6    . OHU A 1 7  ? 2.479   -1.865  -5.668 1.00 55.66  ? 7   OHU A C6    1 
HETATM 131 C  "C1'" . OHU A 1 7  ? 4.223   -1.811  -7.550 1.00 55.47  ? 7   OHU A "C1'" 1 
HETATM 132 C  "C2'" . OHU A 1 7  ? 5.309   -2.892  -7.449 1.00 64.84  ? 7   OHU A "C2'" 1 
HETATM 133 C  "C3'" . OHU A 1 7  ? 4.598   -4.178  -7.887 1.00 62.84  ? 7   OHU A "C3'" 1 
HETATM 134 O  "O3'" . OHU A 1 7  ? 5.501   -5.212  -8.346 1.00 65.47  ? 7   OHU A "O3'" 1 
HETATM 135 C  "C4'" . OHU A 1 7  ? 3.744   -3.591  -9.004 1.00 62.17  ? 7   OHU A "C4'" 1 
HETATM 136 O  "O4'" . OHU A 1 7  ? 3.225   -2.400  -8.372 1.00 62.53  ? 7   OHU A "O4'" 1 
HETATM 137 C  "C5'" . OHU A 1 7  ? 2.556   -4.398  -9.504 1.00 61.50  ? 7   OHU A "C5'" 1 
HETATM 138 O  "O5'" . OHU A 1 7  ? 2.190   -5.446  -8.618 1.00 58.54  ? 7   OHU A "O5'" 1 
HETATM 139 O  OP1   . OHU A 1 7  ? 0.276   -7.084  -8.319 1.00 67.23  ? 7   OHU A OP1   1 
HETATM 140 O  OP2   . OHU A 1 7  ? 0.700   -5.136  -6.702 1.00 57.75  ? 7   OHU A OP2   1 
ATOM   141 P  P     . DG  A 1 8  ? 6.065   -6.349  -7.340 1.00 71.13  ? 8   DG  A P     1 
ATOM   142 O  OP1   . DG  A 1 8  ? 6.832   -7.320  -8.141 1.00 77.26  ? 8   DG  A OP1   1 
ATOM   143 O  OP2   . DG  A 1 8  ? 4.994   -6.839  -6.442 1.00 69.83  ? 8   DG  A OP2   1 
ATOM   144 O  "O5'" . DG  A 1 8  ? 7.123   -5.577  -6.438 1.00 66.85  ? 8   DG  A "O5'" 1 
ATOM   145 C  "C5'" . DG  A 1 8  ? 8.319   -5.104  -7.012 1.00 66.26  ? 8   DG  A "C5'" 1 
ATOM   146 C  "C4'" . DG  A 1 8  ? 9.053   -4.220  -6.034 1.00 60.46  ? 8   DG  A "C4'" 1 
ATOM   147 O  "O4'" . DG  A 1 8  ? 8.308   -3.001  -5.844 1.00 62.08  ? 8   DG  A "O4'" 1 
ATOM   148 C  "C3'" . DG  A 1 8  ? 9.192   -4.796  -4.638 1.00 63.27  ? 8   DG  A "C3'" 1 
ATOM   149 O  "O3'" . DG  A 1 8  ? 10.333  -5.624  -4.578 1.00 72.66  ? 8   DG  A "O3'" 1 
ATOM   150 C  "C2'" . DG  A 1 8  ? 9.392   -3.535  -3.810 1.00 58.40  ? 8   DG  A "C2'" 1 
ATOM   151 C  "C1'" . DG  A 1 8  ? 8.450   -2.561  -4.502 1.00 60.51  ? 8   DG  A "C1'" 1 
ATOM   152 N  N9    . DG  A 1 8  ? 7.139   -2.516  -3.882 1.00 56.98  ? 8   DG  A N9    1 
ATOM   153 C  C8    . DG  A 1 8  ? 5.997   -3.151  -4.305 1.00 64.12  ? 8   DG  A C8    1 
ATOM   154 N  N7    . DG  A 1 8  ? 4.964   -2.923  -3.545 1.00 65.68  ? 8   DG  A N7    1 
ATOM   155 C  C5    . DG  A 1 8  ? 5.457   -2.091  -2.546 1.00 57.64  ? 8   DG  A C5    1 
ATOM   156 C  C6    . DG  A 1 8  ? 4.799   -1.510  -1.440 1.00 53.11  ? 8   DG  A C6    1 
ATOM   157 O  O6    . DG  A 1 8  ? 3.622   -1.635  -1.104 1.00 54.42  ? 8   DG  A O6    1 
ATOM   158 N  N1    . DG  A 1 8  ? 5.662   -0.732  -0.670 1.00 58.28  ? 8   DG  A N1    1 
ATOM   159 C  C2    . DG  A 1 8  ? 7.001   -0.541  -0.944 1.00 56.24  ? 8   DG  A C2    1 
ATOM   160 N  N2    . DG  A 1 8  ? 7.673   0.249   -0.098 1.00 53.13  ? 8   DG  A N2    1 
ATOM   161 N  N3    . DG  A 1 8  ? 7.628   -1.073  -1.987 1.00 53.45  ? 8   DG  A N3    1 
ATOM   162 C  C4    . DG  A 1 8  ? 6.797   -1.834  -2.739 1.00 56.96  ? 8   DG  A C4    1 
ATOM   163 P  P     . DG  A 1 9  ? 10.471  -6.778  -3.467 1.00 69.02  ? 9   DG  A P     1 
ATOM   164 O  OP1   . DG  A 1 9  ? 11.891  -7.151  -3.589 1.00 65.47  ? 9   DG  A OP1   1 
ATOM   165 O  OP2   . DG  A 1 9  ? 9.385   -7.777  -3.655 1.00 64.51  ? 9   DG  A OP2   1 
ATOM   166 O  "O5'" . DG  A 1 9  ? 10.232  -6.046  -2.050 1.00 54.55  ? 9   DG  A "O5'" 1 
ATOM   167 C  "C5'" . DG  A 1 9  ? 11.339  -5.605  -1.307 1.00 60.61  ? 9   DG  A "C5'" 1 
ATOM   168 C  "C4'" . DG  A 1 9  ? 10.940  -4.624  -0.222 1.00 56.03  ? 9   DG  A "C4'" 1 
ATOM   169 O  "O4'" . DG  A 1 9  ? 9.751   -3.897  -0.592 1.00 56.25  ? 9   DG  A "O4'" 1 
ATOM   170 C  "C3'" . DG  A 1 9  ? 10.569  -5.220  1.111  1.00 53.84  ? 9   DG  A "C3'" 1 
ATOM   171 O  "O3'" . DG  A 1 9  ? 11.738  -5.641  1.792  1.00 58.31  ? 9   DG  A "O3'" 1 
ATOM   172 C  "C2'" . DG  A 1 9  ? 9.948   -3.992  1.777  1.00 53.67  ? 9   DG  A "C2'" 1 
ATOM   173 C  "C1'" . DG  A 1 9  ? 9.218   -3.319  0.590  1.00 55.35  ? 9   DG  A "C1'" 1 
ATOM   174 N  N9    . DG  A 1 9  ? 7.789   -3.554  0.613  1.00 51.06  ? 9   DG  A N9    1 
ATOM   175 C  C8    . DG  A 1 9  ? 7.079   -4.381  -0.217 1.00 55.91  ? 9   DG  A C8    1 
ATOM   176 N  N7    . DG  A 1 9  ? 5.803   -4.411  0.054  1.00 60.08  ? 9   DG  A N7    1 
ATOM   177 C  C5    . DG  A 1 9  ? 5.664   -3.565  1.143  1.00 55.30  ? 9   DG  A C5    1 
ATOM   178 C  C6    . DG  A 1 9  ? 4.512   -3.208  1.870  1.00 57.30  ? 9   DG  A C6    1 
ATOM   179 O  O6    . DG  A 1 9  ? 3.350   -3.585  1.691  1.00 61.86  ? 9   DG  A O6    1 
ATOM   180 N  N1    . DG  A 1 9  ? 4.801   -2.320  2.898  1.00 52.90  ? 9   DG  A N1    1 
ATOM   181 C  C2    . DG  A 1 9  ? 6.044   -1.835  3.183  1.00 52.85  ? 9   DG  A C2    1 
ATOM   182 N  N2    . DG  A 1 9  ? 6.120   -0.993  4.222  1.00 53.01  ? 9   DG  A N2    1 
ATOM   183 N  N3    . DG  A 1 9  ? 7.142   -2.161  2.508  1.00 53.75  ? 9   DG  A N3    1 
ATOM   184 C  C4    . DG  A 1 9  ? 6.877   -3.032  1.507  1.00 52.96  ? 9   DG  A C4    1 
ATOM   185 P  P     . DT  A 1 10 ? 11.683  -6.812  2.893  1.00 58.28  ? 10  DT  A P     1 
ATOM   186 O  OP1   . DT  A 1 10 ? 13.100  -7.128  3.143  1.00 63.32  ? 10  DT  A OP1   1 
ATOM   187 O  OP2   . DT  A 1 10 ? 10.711  -7.864  2.519  1.00 58.81  ? 10  DT  A OP2   1 
ATOM   188 O  "O5'" . DT  A 1 10 ? 11.155  -6.084  4.198  1.00 50.37  ? 10  DT  A "O5'" 1 
ATOM   189 C  "C5'" . DT  A 1 10 ? 11.893  -4.983  4.694  1.00 58.63  ? 10  DT  A "C5'" 1 
ATOM   190 C  "C4'" . DT  A 1 10 ? 11.278  -4.466  5.965  1.00 59.39  ? 10  DT  A "C4'" 1 
ATOM   191 O  "O4'" . DT  A 1 10 ? 9.938   -3.969  5.689  1.00 57.97  ? 10  DT  A "O4'" 1 
ATOM   192 C  "C3'" . DT  A 1 10 ? 11.129  -5.522  7.040  1.00 59.71  ? 10  DT  A "C3'" 1 
ATOM   193 O  "O3'" . DT  A 1 10 ? 11.435  -4.977  8.290  1.00 64.07  ? 10  DT  A "O3'" 1 
ATOM   194 C  "C2'" . DT  A 1 10 ? 9.660   -5.926  6.947  1.00 56.06  ? 10  DT  A "C2'" 1 
ATOM   195 C  "C1'" . DT  A 1 10 ? 8.999   -4.628  6.512  1.00 59.77  ? 10  DT  A "C1'" 1 
ATOM   196 N  N1    . DT  A 1 10 ? 7.748   -4.869  5.728  1.00 56.22  ? 10  DT  A N1    1 
ATOM   197 C  C2    . DT  A 1 10 ? 6.564   -4.356  6.181  1.00 52.06  ? 10  DT  A C2    1 
ATOM   198 O  O2    . DT  A 1 10 ? 6.474   -3.673  7.181  1.00 51.53  ? 10  DT  A O2    1 
ATOM   199 N  N3    . DT  A 1 10 ? 5.475   -4.669  5.408  1.00 54.86  ? 10  DT  A N3    1 
ATOM   200 C  C4    . DT  A 1 10 ? 5.461   -5.430  4.256  1.00 53.55  ? 10  DT  A C4    1 
ATOM   201 O  O4    . DT  A 1 10 ? 4.435   -5.649  3.629  1.00 59.64  ? 10  DT  A O4    1 
ATOM   202 C  C5    . DT  A 1 10 ? 6.740   -5.953  3.846  1.00 55.07  ? 10  DT  A C5    1 
ATOM   203 C  C7    . DT  A 1 10 ? 6.851   -6.799  2.618  1.00 55.48  ? 10  DT  A C7    1 
ATOM   204 C  C6    . DT  A 1 10 ? 7.805   -5.654  4.593  1.00 56.05  ? 10  DT  A C6    1 
ATOM   205 P  P     . DC  A 1 11 ? 11.646  -5.963  9.537  1.00 69.59  ? 11  DC  A P     1 
ATOM   206 O  OP1   . DC  A 1 11 ? 12.628  -5.311  10.434 1.00 66.53  ? 11  DC  A OP1   1 
ATOM   207 O  OP2   . DC  A 1 11 ? 11.939  -7.299  8.962  1.00 60.37  ? 11  DC  A OP2   1 
ATOM   208 O  "O5'" . DC  A 1 11 ? 10.213  -5.970  10.236 1.00 58.83  ? 11  DC  A "O5'" 1 
ATOM   209 C  "C5'" . DC  A 1 11 ? 9.753   -4.796  10.857 1.00 59.29  ? 11  DC  A "C5'" 1 
ATOM   210 C  "C4'" . DC  A 1 11 ? 8.338   -4.969  11.354 1.00 62.81  ? 11  DC  A "C4'" 1 
ATOM   211 O  "O4'" . DC  A 1 11 ? 7.438   -5.107  10.227 1.00 63.70  ? 11  DC  A "O4'" 1 
ATOM   212 C  "C3'" . DC  A 1 11 ? 8.111   -6.197  12.235 1.00 62.66  ? 11  DC  A "C3'" 1 
ATOM   213 O  "O3'" . DC  A 1 11 ? 7.468   -5.810  13.422 1.00 76.01  ? 11  DC  A "O3'" 1 
ATOM   214 C  "C2'" . DC  A 1 11 ? 7.200   -7.087  11.393 1.00 68.93  ? 11  DC  A "C2'" 1 
ATOM   215 C  "C1'" . DC  A 1 11 ? 6.467   -6.065  10.545 1.00 60.23  ? 11  DC  A "C1'" 1 
ATOM   216 N  N1    . DC  A 1 11 ? 5.963   -6.624  9.291  1.00 58.30  ? 11  DC  A N1    1 
ATOM   217 C  C2    . DC  A 1 11 ? 4.611   -6.461  8.946  1.00 58.86  ? 11  DC  A C2    1 
ATOM   218 O  O2    . DC  A 1 11 ? 3.854   -5.843  9.719  1.00 54.82  ? 11  DC  A O2    1 
ATOM   219 N  N3    . DC  A 1 11 ? 4.168   -6.995  7.775  1.00 55.94  ? 11  DC  A N3    1 
ATOM   220 C  C4    . DC  A 1 11 ? 5.017   -7.656  6.981  1.00 55.96  ? 11  DC  A C4    1 
ATOM   221 N  N4    . DC  A 1 11 ? 4.548   -8.155  5.841  1.00 51.92  ? 11  DC  A N4    1 
ATOM   222 C  C5    . DC  A 1 11 ? 6.395   -7.825  7.321  1.00 58.58  ? 11  DC  A C5    1 
ATOM   223 C  C6    . DC  A 1 11 ? 6.817   -7.302  8.473  1.00 56.73  ? 11  DC  A C6    1 
ATOM   224 P  P     . DC  A 1 12 ? 7.189   -6.888  14.580 1.00 80.50  ? 12  DC  A P     1 
ATOM   225 O  OP1   . DC  A 1 12 ? 7.302   -6.126  15.844 1.00 80.16  ? 12  DC  A OP1   1 
ATOM   226 O  OP2   . DC  A 1 12 ? 7.993   -8.119  14.338 1.00 65.06  ? 12  DC  A OP2   1 
ATOM   227 O  "O5'" . DC  A 1 12 ? 5.664   -7.292  14.357 1.00 73.04  ? 12  DC  A "O5'" 1 
ATOM   228 C  "C5'" . DC  A 1 12 ? 4.632   -6.449  14.823 1.00 73.48  ? 12  DC  A "C5'" 1 
ATOM   229 C  "C4'" . DC  A 1 12 ? 3.294   -7.099  14.570 1.00 71.72  ? 12  DC  A "C4'" 1 
ATOM   230 O  "O4'" . DC  A 1 12 ? 3.099   -7.188  13.154 1.00 70.65  ? 12  DC  A "O4'" 1 
ATOM   231 C  "C3'" . DC  A 1 12 ? 3.204   -8.534  15.053 1.00 72.86  ? 12  DC  A "C3'" 1 
ATOM   232 O  "O3'" . DC  A 1 12 ? 2.739   -8.568  16.405 1.00 85.04  ? 12  DC  A "O3'" 1 
ATOM   233 C  "C2'" . DC  A 1 12 ? 2.195   -9.172  14.094 1.00 68.14  ? 12  DC  A "C2'" 1 
ATOM   234 C  "C1'" . DC  A 1 12 ? 2.216   -8.249  12.872 1.00 67.61  ? 12  DC  A "C1'" 1 
ATOM   235 N  N1    . DC  A 1 12 ? 2.663   -8.902  11.604 1.00 60.67  ? 12  DC  A N1    1 
ATOM   236 C  C2    . DC  A 1 12 ? 1.709   -9.307  10.668 1.00 58.25  ? 12  DC  A C2    1 
ATOM   237 O  O2    . DC  A 1 12 ? 0.514   -9.144  10.919 1.00 61.56  ? 12  DC  A O2    1 
ATOM   238 N  N3    . DC  A 1 12 ? 2.123   -9.874  9.514  1.00 59.04  ? 12  DC  A N3    1 
ATOM   239 C  C4    . DC  A 1 12 ? 3.421   -10.035 9.278  1.00 54.42  ? 12  DC  A C4    1 
ATOM   240 N  N4    . DC  A 1 12 ? 3.775   -10.601 8.120  1.00 56.10  ? 12  DC  A N4    1 
ATOM   241 C  C5    . DC  A 1 12 ? 4.410   -9.619  10.211 1.00 59.40  ? 12  DC  A C5    1 
ATOM   242 C  C6    . DC  A 1 12 ? 3.990   -9.060  11.352 1.00 61.74  ? 12  DC  A C6    1 
HETATM 243 CO CO    . NCO B 2 .  ? 2.191   -6.423  -1.587 1.00 108.24 3 101 NCO A CO    1 
HETATM 244 N  N1    . NCO B 2 .  ? 2.468   -7.298  0.168  1.00 75.91  ? 101 NCO A N1    1 
HETATM 245 N  N2    . NCO B 2 .  ? 1.945   -5.534  -3.339 1.00 67.26  ? 101 NCO A N2    1 
HETATM 246 N  N3    . NCO B 2 .  ? 2.297   -4.641  -0.732 1.00 72.48  ? 101 NCO A N3    1 
HETATM 247 N  N4    . NCO B 2 .  ? 4.159   -6.466  -1.826 1.00 76.27  ? 101 NCO A N4    1 
HETATM 248 N  N5    . NCO B 2 .  ? 2.069   -8.183  -2.488 1.00 96.83  ? 101 NCO A N5    1 
HETATM 249 N  N6    . NCO B 2 .  ? 0.226   -6.401  -1.334 1.00 86.66  ? 101 NCO A N6    1 
HETATM 250 CO CO    . CO  C 3 .  ? -7.540  -6.398  -1.461 1.00 99.67  3 102 CO  A CO    1 
# 
